data_5TMA
#
_entry.id   5TMA
#
_cell.length_a   124.440
_cell.length_b   124.440
_cell.length_c   173.825
_cell.angle_alpha   90.00
_cell.angle_beta   90.00
_cell.angle_gamma   90.00
#
_symmetry.space_group_name_H-M   'P 43 21 2'
#
loop_
_entity.id
_entity.type
_entity.pdbx_description
1 polymer 'Pyruvate decarboxylase'
2 non-polymer 'THIAMINE DIPHOSPHATE'
3 non-polymer 'MAGNESIUM ION'
4 non-polymer 'SULFATE ION'
5 non-polymer 1,2-ETHANEDIOL
6 water water
#
_entity_poly.entity_id   1
_entity_poly.type   'polypeptide(L)'
_entity_poly.pdbx_seq_one_letter_code
;MDYTVGTYLAERLVQIGLKHHFAVAGDYNLVLLDNLLDNKNMEQVYCCNELNCGFSAEGYARAKGAAAAVVTYSVGALSA
FDAIGGAYAENLPVILISGAPNNNDHAAAHVLHHALGKTDYHYQLEMAKNITAAAEAIYTPEEAPAKIDHVIKTALREKK
PVYLEIACNIASMPCAAPGPASALFNDEASDEASLNAAVEETLKFIENRDKVAVLVGSKLRAAAAEEAAVKFADALGGAV
ATMAAAKSFFPEENPHYIGTSWGEVSYPGVEKTMKEADAVIALAPVFNDYSTTGWTDIPDPKKLVLAEPRSVVVNGIRFP
SVHLKDYLTRLAEKVSKKTGALDFFKSLNAGELKKADPADPSAPLVNAEIARQIEDLLTPNTTVIAETGDSWFNAQRMKL
PNGARVEYEMQWGHIGWSVPAAFGYAVGAPERRNILMVGDGSFQLTAQEVAQMVRLKLPVIIFLINNYGYTIEVMIHDGP
YNNIKNWDYAALMEVFNGNGGYDSGAGKGLKAKTAAELEEAIKVALDNTDGPTLIECFIAREDCTEELVKWGERVAAANS
RKPVNKLLLEHHHHHH
;
_entity_poly.pdbx_strand_id   A,B
#
# COMPACT_ATOMS: atom_id res chain seq x y z
N MET A 1 -4.35 5.69 -31.59
N MET A 1 -4.53 5.20 -31.11
CA MET A 1 -5.53 6.21 -30.84
CA MET A 1 -5.44 6.36 -31.12
C MET A 1 -5.05 7.28 -29.86
C MET A 1 -5.20 7.19 -29.85
N ASP A 2 -5.79 8.37 -29.81
CA ASP A 2 -5.61 9.34 -28.74
C ASP A 2 -6.55 9.02 -27.61
N TYR A 3 -6.06 9.13 -26.38
CA TYR A 3 -6.89 8.80 -25.26
C TYR A 3 -7.30 10.02 -24.49
N THR A 4 -8.37 9.86 -23.73
CA THR A 4 -8.77 10.81 -22.74
C THR A 4 -8.73 10.17 -21.34
N VAL A 5 -8.90 10.99 -20.30
CA VAL A 5 -8.91 10.46 -18.92
C VAL A 5 -9.88 9.28 -18.83
N GLY A 6 -11.06 9.47 -19.34
CA GLY A 6 -12.07 8.50 -19.26
C GLY A 6 -11.80 7.28 -20.11
N THR A 7 -11.33 7.46 -21.37
CA THR A 7 -11.08 6.28 -22.21
C THR A 7 -9.85 5.54 -21.77
N TYR A 8 -8.88 6.21 -21.12
CA TYR A 8 -7.73 5.57 -20.50
C TYR A 8 -8.24 4.59 -19.39
N LEU A 9 -9.13 5.10 -18.54
CA LEU A 9 -9.75 4.30 -17.50
C LEU A 9 -10.45 3.12 -18.12
N ALA A 10 -11.23 3.34 -19.17
CA ALA A 10 -11.98 2.24 -19.78
C ALA A 10 -11.06 1.19 -20.29
N GLU A 11 -9.97 1.62 -20.97
CA GLU A 11 -9.06 0.68 -21.54
C GLU A 11 -8.37 -0.15 -20.50
N ARG A 12 -7.94 0.48 -19.37
CA ARG A 12 -7.35 -0.28 -18.31
C ARG A 12 -8.34 -1.32 -17.77
N LEU A 13 -9.63 -0.95 -17.66
CA LEU A 13 -10.65 -1.89 -17.11
C LEU A 13 -10.77 -3.10 -18.05
N VAL A 14 -10.80 -2.84 -19.34
CA VAL A 14 -10.83 -3.94 -20.32
C VAL A 14 -9.57 -4.84 -20.28
N GLN A 15 -8.40 -4.22 -20.08
CA GLN A 15 -7.16 -4.95 -19.99
C GLN A 15 -7.08 -5.88 -18.82
N ILE A 16 -7.80 -5.61 -17.72
CA ILE A 16 -7.77 -6.54 -16.59
C ILE A 16 -8.90 -7.57 -16.67
N GLY A 17 -9.64 -7.56 -17.78
CA GLY A 17 -10.58 -8.61 -18.10
C GLY A 17 -12.03 -8.24 -17.90
N LEU A 18 -12.34 -6.96 -17.62
CA LEU A 18 -13.71 -6.59 -17.44
C LEU A 18 -14.36 -6.57 -18.88
N LYS A 19 -15.56 -7.09 -19.01
CA LYS A 19 -16.43 -6.83 -20.18
C LYS A 19 -17.67 -6.01 -19.84
N HIS A 20 -17.77 -5.59 -18.57
CA HIS A 20 -18.88 -4.82 -18.06
C HIS A 20 -18.39 -3.96 -16.92
N HIS A 21 -19.06 -2.86 -16.70
CA HIS A 21 -18.95 -2.08 -15.44
C HIS A 21 -20.34 -1.67 -15.09
N PHE A 22 -20.55 -1.37 -13.83
CA PHE A 22 -21.85 -1.03 -13.30
C PHE A 22 -21.90 0.43 -12.94
N ALA A 23 -23.03 1.08 -13.15
CA ALA A 23 -23.14 2.51 -12.97
C ALA A 23 -24.50 3.00 -12.50
N VAL A 24 -24.48 4.13 -11.78
CA VAL A 24 -25.67 4.95 -11.57
C VAL A 24 -25.26 6.35 -11.96
N ALA A 25 -26.01 6.91 -12.91
CA ALA A 25 -25.77 8.29 -13.37
C ALA A 25 -26.03 9.37 -12.37
N GLY A 26 -25.27 10.42 -12.50
CA GLY A 26 -25.53 11.68 -11.81
C GLY A 26 -24.73 12.78 -12.45
N ASP A 27 -25.13 14.02 -12.23
CA ASP A 27 -24.48 15.09 -13.01
C ASP A 27 -22.93 15.21 -12.89
N TYR A 28 -22.33 14.86 -11.75
CA TYR A 28 -20.86 14.86 -11.68
C TYR A 28 -20.15 13.70 -12.44
N ASN A 29 -20.91 12.74 -13.01
CA ASN A 29 -20.25 11.61 -13.69
C ASN A 29 -20.71 11.42 -15.17
N LEU A 30 -21.59 12.27 -15.68
CA LEU A 30 -22.19 11.95 -16.97
C LEU A 30 -21.17 11.94 -18.08
N VAL A 31 -20.25 12.91 -18.07
CA VAL A 31 -19.27 12.96 -19.15
C VAL A 31 -18.31 11.79 -19.01
N LEU A 32 -17.96 11.49 -17.75
CA LEU A 32 -17.16 10.28 -17.56
C LEU A 32 -17.92 9.03 -18.08
N LEU A 33 -19.23 8.88 -17.81
CA LEU A 33 -19.95 7.70 -18.32
C LEU A 33 -19.91 7.68 -19.89
N ASP A 34 -19.96 8.87 -20.51
CA ASP A 34 -19.87 8.96 -21.97
C ASP A 34 -18.53 8.42 -22.46
N ASN A 35 -17.45 8.76 -21.77
CA ASN A 35 -16.12 8.27 -22.19
C ASN A 35 -16.04 6.83 -21.99
N LEU A 36 -16.54 6.31 -20.87
CA LEU A 36 -16.53 4.87 -20.65
C LEU A 36 -17.38 4.10 -21.68
N LEU A 37 -18.52 4.66 -22.04
CA LEU A 37 -19.34 4.17 -23.13
C LEU A 37 -18.63 4.05 -24.45
N ASP A 38 -17.65 4.94 -24.70
N ASP A 38 -17.65 4.93 -24.71
CA ASP A 38 -16.91 4.98 -25.96
CA ASP A 38 -16.86 4.89 -25.93
C ASP A 38 -16.03 3.72 -26.18
C ASP A 38 -16.26 3.55 -26.20
N ASN A 39 -15.78 2.89 -25.13
CA ASN A 39 -14.96 1.75 -25.29
C ASN A 39 -15.84 0.58 -25.81
N LYS A 40 -15.47 0.07 -26.97
CA LYS A 40 -16.28 -0.95 -27.69
C LYS A 40 -16.15 -2.34 -27.22
N ASN A 41 -15.32 -2.57 -26.19
CA ASN A 41 -15.21 -3.83 -25.54
C ASN A 41 -15.86 -3.94 -24.16
N MET A 42 -16.62 -2.93 -23.78
CA MET A 42 -17.35 -3.02 -22.52
C MET A 42 -18.79 -2.55 -22.61
N GLU A 43 -19.63 -3.23 -21.87
N GLU A 43 -19.70 -3.27 -21.96
CA GLU A 43 -21.00 -2.86 -21.66
CA GLU A 43 -21.07 -2.78 -21.72
C GLU A 43 -21.07 -1.99 -20.37
C GLU A 43 -21.21 -2.08 -20.37
N GLN A 44 -21.89 -0.94 -20.41
CA GLN A 44 -22.21 -0.20 -19.26
C GLN A 44 -23.54 -0.66 -18.74
N VAL A 45 -23.58 -1.17 -17.52
CA VAL A 45 -24.81 -1.76 -16.91
C VAL A 45 -25.30 -0.90 -15.79
N TYR A 46 -26.57 -0.54 -15.85
CA TYR A 46 -27.18 0.40 -14.91
C TYR A 46 -27.87 -0.33 -13.77
N CYS A 47 -27.75 0.27 -12.56
CA CYS A 47 -28.29 -0.26 -11.36
C CYS A 47 -29.36 0.67 -10.73
N CYS A 48 -30.14 0.15 -9.80
CA CYS A 48 -31.27 0.95 -9.28
C CYS A 48 -30.75 1.94 -8.28
N ASN A 49 -29.83 1.51 -7.41
CA ASN A 49 -29.21 2.40 -6.41
C ASN A 49 -27.78 2.02 -6.21
N GLU A 50 -27.06 2.85 -5.51
CA GLU A 50 -25.64 2.73 -5.41
C GLU A 50 -25.13 1.65 -4.47
N LEU A 51 -25.87 1.30 -3.43
CA LEU A 51 -25.49 0.09 -2.68
C LEU A 51 -25.51 -1.13 -3.60
N ASN A 52 -26.62 -1.26 -4.35
CA ASN A 52 -26.82 -2.38 -5.27
C ASN A 52 -25.80 -2.38 -6.38
N CYS A 53 -25.36 -1.16 -6.78
CA CYS A 53 -24.35 -1.03 -7.82
C CYS A 53 -23.06 -1.64 -7.31
N GLY A 54 -22.72 -1.25 -6.10
CA GLY A 54 -21.52 -1.76 -5.49
C GLY A 54 -21.54 -3.29 -5.33
N PHE A 55 -22.66 -3.81 -4.79
CA PHE A 55 -22.79 -5.23 -4.65
C PHE A 55 -22.88 -6.01 -5.99
N SER A 56 -23.45 -5.40 -7.05
CA SER A 56 -23.41 -6.00 -8.36
C SER A 56 -21.97 -6.19 -8.86
N ALA A 57 -21.11 -5.16 -8.68
CA ALA A 57 -19.72 -5.27 -9.02
C ALA A 57 -19.03 -6.35 -8.19
N GLU A 58 -19.33 -6.40 -6.90
CA GLU A 58 -18.78 -7.48 -6.01
C GLU A 58 -19.11 -8.85 -6.56
N GLY A 59 -20.35 -9.09 -6.93
CA GLY A 59 -20.75 -10.31 -7.51
C GLY A 59 -20.05 -10.61 -8.86
N TYR A 60 -19.94 -9.57 -9.70
CA TYR A 60 -19.18 -9.69 -10.94
C TYR A 60 -17.71 -10.13 -10.72
N ALA A 61 -17.09 -9.55 -9.69
CA ALA A 61 -15.74 -9.90 -9.40
C ALA A 61 -15.60 -11.38 -8.98
N ARG A 62 -16.62 -11.95 -8.39
CA ARG A 62 -16.61 -13.39 -8.07
C ARG A 62 -16.62 -14.23 -9.33
N ALA A 63 -17.30 -13.77 -10.36
CA ALA A 63 -17.32 -14.46 -11.66
C ALA A 63 -16.09 -14.25 -12.52
N LYS A 64 -15.57 -13.03 -12.54
CA LYS A 64 -14.58 -12.58 -13.52
C LYS A 64 -13.20 -12.21 -12.93
N GLY A 65 -13.10 -12.09 -11.63
CA GLY A 65 -11.86 -11.74 -10.95
C GLY A 65 -11.68 -10.32 -10.52
N ALA A 66 -12.39 -9.39 -11.17
CA ALA A 66 -12.39 -7.97 -10.84
C ALA A 66 -13.64 -7.34 -11.35
N ALA A 67 -13.86 -6.08 -10.99
CA ALA A 67 -15.06 -5.38 -11.38
C ALA A 67 -14.93 -3.93 -11.15
N ALA A 68 -15.91 -3.17 -11.62
CA ALA A 68 -15.91 -1.73 -11.47
C ALA A 68 -17.29 -1.19 -11.29
N ALA A 69 -17.45 -0.27 -10.36
CA ALA A 69 -18.70 0.44 -10.16
C ALA A 69 -18.46 1.96 -10.26
N VAL A 70 -19.35 2.67 -10.95
CA VAL A 70 -19.23 4.10 -11.19
C VAL A 70 -20.43 4.80 -10.59
N VAL A 71 -20.21 5.81 -9.71
CA VAL A 71 -21.22 6.46 -8.97
C VAL A 71 -20.98 7.95 -8.96
N THR A 72 -22.00 8.73 -8.54
N THR A 72 -21.98 8.64 -8.44
CA THR A 72 -21.91 10.18 -8.39
CA THR A 72 -22.00 10.05 -8.25
C THR A 72 -21.47 10.60 -6.97
C THR A 72 -21.24 10.48 -7.01
N TYR A 73 -20.87 11.76 -6.95
CA TYR A 73 -20.22 12.33 -5.76
C TYR A 73 -21.17 12.39 -4.57
N SER A 74 -20.69 11.80 -3.49
N SER A 74 -20.65 12.02 -3.41
CA SER A 74 -21.28 11.95 -2.18
CA SER A 74 -21.37 12.07 -2.13
C SER A 74 -22.57 11.17 -1.97
C SER A 74 -22.55 11.18 -2.00
N VAL A 75 -23.65 11.60 -2.62
CA VAL A 75 -24.90 10.82 -2.56
C VAL A 75 -24.76 9.38 -3.14
N GLY A 76 -23.94 9.19 -4.16
CA GLY A 76 -23.76 7.84 -4.68
C GLY A 76 -22.67 7.11 -3.94
N ALA A 77 -21.55 7.74 -3.75
CA ALA A 77 -20.42 7.11 -3.20
C ALA A 77 -20.61 6.64 -1.75
N LEU A 78 -21.23 7.44 -0.92
CA LEU A 78 -21.26 7.06 0.53
C LEU A 78 -21.99 5.76 0.80
N SER A 79 -23.11 5.51 0.12
N SER A 79 -23.10 5.53 0.13
CA SER A 79 -23.79 4.22 0.27
CA SER A 79 -23.77 4.27 0.30
C SER A 79 -22.94 3.12 -0.37
C SER A 79 -23.06 3.11 -0.43
N ALA A 80 -22.37 3.41 -1.54
CA ALA A 80 -21.52 2.39 -2.23
C ALA A 80 -20.34 1.96 -1.35
N PHE A 81 -19.92 2.83 -0.43
CA PHE A 81 -18.85 2.44 0.52
C PHE A 81 -19.18 1.20 1.31
N ASP A 82 -20.45 1.05 1.65
CA ASP A 82 -20.88 -0.17 2.36
C ASP A 82 -20.47 -1.43 1.53
N ALA A 83 -20.81 -1.43 0.22
CA ALA A 83 -20.42 -2.51 -0.64
C ALA A 83 -18.92 -2.67 -0.85
N ILE A 84 -18.21 -1.53 -0.91
CA ILE A 84 -16.77 -1.55 -1.05
C ILE A 84 -16.06 -2.13 0.17
N GLY A 85 -16.47 -1.76 1.39
CA GLY A 85 -16.04 -2.38 2.59
C GLY A 85 -16.37 -3.87 2.51
N GLY A 86 -17.52 -4.24 1.93
CA GLY A 86 -17.80 -5.66 1.68
C GLY A 86 -16.75 -6.33 0.78
N ALA A 87 -16.38 -5.69 -0.28
CA ALA A 87 -15.40 -6.22 -1.19
C ALA A 87 -14.06 -6.38 -0.51
N TYR A 88 -13.73 -5.45 0.39
CA TYR A 88 -12.49 -5.54 1.14
C TYR A 88 -12.53 -6.76 2.01
N ALA A 89 -13.63 -6.95 2.72
CA ALA A 89 -13.81 -8.06 3.62
C ALA A 89 -13.76 -9.41 2.90
N GLU A 90 -14.24 -9.43 1.65
CA GLU A 90 -14.29 -10.67 0.83
C GLU A 90 -13.20 -10.79 -0.19
N ASN A 91 -12.16 -9.97 -0.06
CA ASN A 91 -10.95 -10.07 -0.93
C ASN A 91 -11.20 -10.06 -2.43
N LEU A 92 -11.97 -9.05 -2.83
CA LEU A 92 -12.36 -8.89 -4.24
C LEU A 92 -11.94 -7.54 -4.78
N PRO A 93 -11.27 -7.53 -5.94
CA PRO A 93 -10.79 -6.25 -6.50
C PRO A 93 -11.87 -5.51 -7.27
N VAL A 94 -12.64 -4.78 -6.56
CA VAL A 94 -13.65 -3.90 -7.14
C VAL A 94 -13.09 -2.48 -7.18
N ILE A 95 -13.12 -1.88 -8.36
CA ILE A 95 -12.70 -0.49 -8.51
C ILE A 95 -13.89 0.44 -8.39
N LEU A 96 -13.97 1.24 -7.34
CA LEU A 96 -15.02 2.22 -7.23
C LEU A 96 -14.50 3.52 -7.85
N ILE A 97 -15.29 4.06 -8.79
CA ILE A 97 -15.00 5.32 -9.41
C ILE A 97 -16.10 6.28 -9.16
N SER A 98 -15.77 7.42 -8.53
CA SER A 98 -16.77 8.45 -8.28
C SER A 98 -16.56 9.64 -9.17
N GLY A 99 -17.65 10.23 -9.65
CA GLY A 99 -17.63 11.63 -10.14
C GLY A 99 -17.24 12.54 -9.01
N ALA A 100 -16.80 13.79 -9.31
CA ALA A 100 -16.38 14.70 -8.31
C ALA A 100 -16.55 16.13 -8.88
N PRO A 101 -16.44 17.14 -8.02
CA PRO A 101 -16.68 18.49 -8.47
C PRO A 101 -15.73 18.94 -9.57
N ASN A 102 -16.22 19.96 -10.27
CA ASN A 102 -15.45 20.73 -11.26
C ASN A 102 -14.16 21.13 -10.60
N ASN A 103 -13.04 20.92 -11.29
CA ASN A 103 -11.76 21.17 -10.64
C ASN A 103 -11.49 22.64 -10.26
N ASN A 104 -12.27 23.54 -10.81
CA ASN A 104 -12.22 24.95 -10.43
C ASN A 104 -12.86 25.22 -9.05
N ASP A 105 -13.64 24.27 -8.49
CA ASP A 105 -14.42 24.50 -7.29
C ASP A 105 -13.64 24.22 -5.99
N HIS A 106 -12.48 23.64 -6.11
CA HIS A 106 -11.55 23.43 -4.96
C HIS A 106 -10.93 24.75 -4.52
N ALA A 107 -10.87 24.91 -3.22
CA ALA A 107 -10.32 26.07 -2.57
C ALA A 107 -10.83 27.35 -3.16
N ALA A 108 -12.14 27.45 -3.37
CA ALA A 108 -12.74 28.54 -4.05
C ALA A 108 -13.89 29.10 -3.22
N ALA A 109 -14.09 28.63 -2.00
CA ALA A 109 -15.31 29.03 -1.18
C ALA A 109 -16.63 28.81 -1.90
N HIS A 110 -16.70 27.76 -2.68
CA HIS A 110 -17.94 27.39 -3.37
C HIS A 110 -18.68 26.24 -2.63
N VAL A 111 -19.95 26.52 -2.28
CA VAL A 111 -20.89 25.51 -1.81
C VAL A 111 -21.51 24.80 -2.99
N LEU A 112 -21.41 23.47 -3.00
CA LEU A 112 -21.88 22.67 -4.12
C LEU A 112 -22.97 21.66 -3.71
N HIS A 113 -23.88 21.43 -4.61
CA HIS A 113 -24.91 20.37 -4.44
C HIS A 113 -24.30 18.99 -4.27
N HIS A 114 -25.02 18.08 -3.57
N HIS A 114 -25.08 18.09 -3.67
CA HIS A 114 -24.59 16.72 -3.16
CA HIS A 114 -24.63 16.77 -3.35
C HIS A 114 -23.58 16.68 -2.02
C HIS A 114 -23.26 16.87 -2.59
N ALA A 115 -23.15 17.79 -1.58
CA ALA A 115 -22.06 17.84 -0.57
C ALA A 115 -22.64 18.37 0.73
N LEU A 116 -21.82 18.48 1.76
CA LEU A 116 -22.27 18.76 3.13
C LEU A 116 -22.73 20.16 3.42
N GLY A 117 -22.50 21.09 2.47
CA GLY A 117 -22.88 22.48 2.72
C GLY A 117 -21.70 23.30 3.03
N LYS A 118 -20.56 22.65 3.11
CA LYS A 118 -19.29 23.29 3.38
C LYS A 118 -18.63 23.45 2.00
N THR A 119 -17.47 24.05 2.02
CA THR A 119 -16.78 24.33 0.77
C THR A 119 -15.54 23.48 0.59
N ASP A 120 -15.52 22.35 1.31
N ASP A 120 -15.37 22.45 1.41
CA ASP A 120 -14.43 21.37 1.36
CA ASP A 120 -14.34 21.46 1.20
C ASP A 120 -14.85 19.97 0.82
C ASP A 120 -14.92 20.16 0.63
N TYR A 121 -14.10 19.46 -0.13
CA TYR A 121 -14.56 18.32 -0.93
C TYR A 121 -13.55 17.21 -0.83
N HIS A 122 -12.78 17.19 0.24
N HIS A 122 -12.82 17.17 0.28
CA HIS A 122 -11.83 16.11 0.46
CA HIS A 122 -11.82 16.14 0.54
C HIS A 122 -12.44 14.96 1.29
C HIS A 122 -12.37 14.99 1.42
N TYR A 123 -13.57 15.20 2.00
CA TYR A 123 -14.13 14.24 2.97
C TYR A 123 -14.40 12.84 2.42
N GLN A 124 -14.84 12.81 1.14
CA GLN A 124 -15.14 11.50 0.52
C GLN A 124 -13.90 10.67 0.32
N LEU A 125 -12.84 11.26 -0.22
CA LEU A 125 -11.57 10.58 -0.34
C LEU A 125 -11.06 10.09 1.05
N GLU A 126 -11.17 10.96 2.06
N GLU A 126 -11.15 10.93 2.08
CA GLU A 126 -10.77 10.63 3.40
CA GLU A 126 -10.71 10.55 3.40
C GLU A 126 -11.47 9.37 3.87
C GLU A 126 -11.50 9.40 4.02
N MET A 127 -12.79 9.34 3.74
CA MET A 127 -13.61 8.23 4.14
C MET A 127 -13.20 6.98 3.40
N ALA A 128 -12.95 7.12 2.08
CA ALA A 128 -12.60 5.98 1.25
C ALA A 128 -11.35 5.26 1.67
N LYS A 129 -10.38 6.04 2.15
CA LYS A 129 -9.13 5.47 2.58
C LYS A 129 -9.26 4.40 3.67
N ASN A 130 -10.29 4.52 4.47
CA ASN A 130 -10.49 3.51 5.52
C ASN A 130 -10.94 2.14 5.09
N ILE A 131 -11.38 1.97 3.85
CA ILE A 131 -12.01 0.75 3.41
C ILE A 131 -11.50 0.28 2.06
N THR A 132 -10.32 0.80 1.64
CA THR A 132 -9.69 0.43 0.40
C THR A 132 -8.19 0.19 0.57
N ALA A 133 -7.59 -0.45 -0.42
CA ALA A 133 -6.12 -0.66 -0.44
C ALA A 133 -5.37 0.49 -1.07
N ALA A 134 -6.10 1.28 -1.85
CA ALA A 134 -5.55 2.54 -2.45
C ALA A 134 -6.73 3.42 -2.82
N ALA A 135 -6.50 4.71 -2.76
CA ALA A 135 -7.53 5.69 -3.02
C ALA A 135 -6.85 6.93 -3.58
N GLU A 136 -7.30 7.38 -4.75
CA GLU A 136 -6.72 8.54 -5.38
C GLU A 136 -7.79 9.44 -5.96
N ALA A 137 -7.52 10.76 -5.87
CA ALA A 137 -8.34 11.79 -6.51
C ALA A 137 -7.65 12.33 -7.72
N ILE A 138 -8.36 12.40 -8.85
CA ILE A 138 -7.80 12.94 -10.08
C ILE A 138 -8.45 14.30 -10.34
N TYR A 139 -7.63 15.34 -10.24
CA TYR A 139 -8.09 16.67 -10.41
C TYR A 139 -7.70 17.27 -11.80
N THR A 140 -6.61 16.76 -12.36
CA THR A 140 -6.06 17.18 -13.65
C THR A 140 -5.80 15.98 -14.55
N PRO A 141 -5.86 16.19 -15.86
CA PRO A 141 -5.63 15.04 -16.75
C PRO A 141 -4.23 14.47 -16.72
N GLU A 142 -3.20 15.29 -16.46
CA GLU A 142 -1.83 14.85 -16.52
C GLU A 142 -1.57 13.79 -15.46
N GLU A 143 -2.30 13.86 -14.33
CA GLU A 143 -2.04 12.93 -13.19
C GLU A 143 -2.91 11.66 -13.35
N ALA A 144 -3.81 11.66 -14.32
CA ALA A 144 -4.75 10.53 -14.47
C ALA A 144 -4.10 9.17 -14.74
N PRO A 145 -3.20 9.07 -15.73
CA PRO A 145 -2.60 7.75 -16.05
C PRO A 145 -1.87 7.11 -14.86
N ALA A 146 -1.12 7.87 -14.12
CA ALA A 146 -0.37 7.30 -12.98
C ALA A 146 -1.32 6.83 -11.86
N LYS A 147 -2.29 7.67 -11.55
CA LYS A 147 -3.26 7.38 -10.45
C LYS A 147 -4.13 6.16 -10.80
N ILE A 148 -4.58 6.11 -12.08
CA ILE A 148 -5.34 4.96 -12.55
C ILE A 148 -4.54 3.67 -12.48
N ASP A 149 -3.32 3.71 -13.00
CA ASP A 149 -2.53 2.55 -13.00
C ASP A 149 -2.16 2.06 -11.61
N HIS A 150 -1.87 3.01 -10.75
CA HIS A 150 -1.59 2.69 -9.33
C HIS A 150 -2.72 1.95 -8.64
N VAL A 151 -3.93 2.49 -8.76
CA VAL A 151 -5.06 1.85 -8.02
C VAL A 151 -5.36 0.46 -8.64
N ILE A 152 -5.26 0.32 -9.98
CA ILE A 152 -5.53 -0.96 -10.63
C ILE A 152 -4.50 -1.98 -10.25
N LYS A 153 -3.24 -1.62 -10.33
CA LYS A 153 -2.25 -2.61 -9.94
C LYS A 153 -2.35 -3.04 -8.47
N THR A 154 -2.65 -2.11 -7.58
CA THR A 154 -2.81 -2.38 -6.17
C THR A 154 -4.02 -3.33 -5.97
N ALA A 155 -5.14 -3.10 -6.66
CA ALA A 155 -6.33 -3.90 -6.49
C ALA A 155 -6.00 -5.37 -6.83
N LEU A 156 -5.34 -5.55 -7.97
CA LEU A 156 -5.05 -6.87 -8.46
C LEU A 156 -4.02 -7.56 -7.59
N ARG A 157 -2.99 -6.86 -7.16
N ARG A 157 -3.03 -6.83 -7.11
CA ARG A 157 -1.96 -7.47 -6.29
CA ARG A 157 -2.00 -7.42 -6.23
C ARG A 157 -2.52 -7.94 -4.91
C ARG A 157 -2.47 -7.75 -4.79
N GLU A 158 -3.19 -7.02 -4.27
N GLU A 158 -3.36 -6.94 -4.25
CA GLU A 158 -3.75 -7.17 -2.91
CA GLU A 158 -3.81 -7.15 -2.89
C GLU A 158 -5.07 -7.93 -2.83
C GLU A 158 -5.09 -7.96 -2.81
N LYS A 159 -5.78 -8.11 -3.95
CA LYS A 159 -7.16 -8.69 -4.01
C LYS A 159 -8.03 -7.90 -3.03
N LYS A 160 -8.02 -6.56 -3.19
N LYS A 160 -8.04 -6.57 -3.21
CA LYS A 160 -8.79 -5.64 -2.42
CA LYS A 160 -8.77 -5.64 -2.38
C LYS A 160 -9.32 -4.50 -3.30
C LYS A 160 -9.38 -4.64 -3.33
N PRO A 161 -10.42 -3.91 -2.88
CA PRO A 161 -10.95 -2.82 -3.67
C PRO A 161 -10.14 -1.55 -3.55
N VAL A 162 -10.44 -0.64 -4.44
CA VAL A 162 -9.74 0.62 -4.49
C VAL A 162 -10.72 1.73 -4.92
N TYR A 163 -10.31 2.97 -4.72
CA TYR A 163 -11.14 4.12 -4.97
C TYR A 163 -10.46 5.11 -5.95
N LEU A 164 -11.24 5.65 -6.88
CA LEU A 164 -10.82 6.79 -7.72
C LEU A 164 -11.93 7.80 -7.77
N GLU A 165 -11.59 9.07 -7.67
CA GLU A 165 -12.55 10.10 -8.04
C GLU A 165 -11.98 10.93 -9.16
N ILE A 166 -12.87 11.44 -10.01
CA ILE A 166 -12.44 12.19 -11.21
C ILE A 166 -13.27 13.45 -11.37
N ALA A 167 -12.60 14.56 -11.42
CA ALA A 167 -13.28 15.82 -11.58
C ALA A 167 -14.19 15.79 -12.76
N CYS A 168 -15.39 16.36 -12.65
CA CYS A 168 -16.38 16.19 -13.70
C CYS A 168 -16.06 16.94 -14.98
N ASN A 169 -15.09 17.85 -14.97
CA ASN A 169 -14.79 18.65 -16.17
C ASN A 169 -13.52 18.23 -16.83
N ILE A 170 -12.97 17.04 -16.49
CA ILE A 170 -11.77 16.57 -17.15
C ILE A 170 -11.86 15.18 -17.81
N ALA A 171 -13.00 14.52 -17.72
CA ALA A 171 -13.06 13.13 -18.23
C ALA A 171 -12.82 13.02 -19.73
N SER A 172 -13.11 14.08 -20.49
CA SER A 172 -12.82 14.11 -21.90
C SER A 172 -11.50 14.74 -22.30
N MET A 173 -10.70 15.20 -21.33
N MET A 173 -10.68 15.10 -21.34
CA MET A 173 -9.43 15.86 -21.62
CA MET A 173 -9.41 15.71 -21.62
C MET A 173 -8.37 14.82 -22.02
C MET A 173 -8.36 14.72 -22.07
N PRO A 174 -7.54 15.13 -23.05
CA PRO A 174 -6.50 14.22 -23.47
C PRO A 174 -5.49 13.87 -22.42
N CYS A 175 -4.95 12.67 -22.53
CA CYS A 175 -3.83 12.21 -21.73
C CYS A 175 -3.03 11.15 -22.47
N ALA A 176 -1.95 10.68 -21.87
CA ALA A 176 -1.19 9.59 -22.43
C ALA A 176 -2.00 8.33 -22.67
N ALA A 177 -1.55 7.51 -23.60
CA ALA A 177 -2.15 6.23 -23.85
C ALA A 177 -1.63 5.14 -22.90
N PRO A 178 -2.41 4.12 -22.64
CA PRO A 178 -1.93 3.04 -21.80
C PRO A 178 -1.04 2.04 -22.55
N GLY A 179 -0.01 1.58 -21.86
CA GLY A 179 0.82 0.49 -22.29
C GLY A 179 0.17 -0.87 -22.18
N PRO A 180 0.95 -1.93 -22.39
CA PRO A 180 0.45 -3.30 -22.39
C PRO A 180 -0.18 -3.75 -21.07
N ALA A 181 -1.17 -4.63 -21.20
CA ALA A 181 -1.87 -5.16 -20.06
C ALA A 181 -0.97 -5.90 -19.09
N SER A 182 0.05 -6.59 -19.60
CA SER A 182 0.93 -7.43 -18.80
C SER A 182 1.56 -6.65 -17.60
N ALA A 183 1.80 -5.38 -17.79
CA ALA A 183 2.29 -4.51 -16.73
C ALA A 183 1.38 -4.46 -15.49
N LEU A 184 0.06 -4.61 -15.70
CA LEU A 184 -0.88 -4.49 -14.64
C LEU A 184 -0.87 -5.78 -13.73
N PHE A 185 -0.45 -6.89 -14.37
N PHE A 185 -0.47 -6.90 -14.24
CA PHE A 185 -0.22 -8.26 -13.85
CA PHE A 185 -0.51 -8.06 -13.42
C PHE A 185 1.28 -8.65 -13.76
C PHE A 185 0.87 -8.28 -12.77
N ASN A 186 1.95 -8.12 -12.74
N ASN A 186 1.79 -7.37 -13.01
CA ASN A 186 3.39 -8.20 -12.61
CA ASN A 186 3.19 -7.61 -12.65
C ASN A 186 3.87 -8.42 -11.17
C ASN A 186 3.23 -7.60 -11.14
N ASP A 187 3.10 -9.15 -10.39
N ASP A 187 3.83 -8.66 -10.61
CA ASP A 187 3.42 -9.35 -8.97
CA ASP A 187 3.86 -8.95 -9.18
C ASP A 187 4.82 -9.96 -8.70
C ASP A 187 5.22 -9.60 -8.80
N GLU A 188 5.47 -9.58 -7.53
CA GLU A 188 6.67 -10.26 -7.00
C GLU A 188 6.52 -11.77 -7.24
N ALA A 189 7.62 -12.43 -7.54
CA ALA A 189 7.70 -13.90 -7.41
C ALA A 189 7.94 -14.28 -5.96
N SER A 190 7.69 -15.51 -5.60
CA SER A 190 8.18 -16.00 -4.26
C SER A 190 9.72 -15.80 -4.11
N ASP A 191 10.19 -15.41 -2.90
CA ASP A 191 11.65 -15.43 -2.58
C ASP A 191 12.05 -16.87 -2.56
N GLU A 192 12.98 -17.27 -3.42
N GLU A 192 13.01 -17.25 -3.42
CA GLU A 192 13.25 -18.72 -3.56
CA GLU A 192 13.40 -18.68 -3.58
C GLU A 192 13.80 -19.37 -2.26
C GLU A 192 13.80 -19.35 -2.26
N ALA A 193 14.71 -18.71 -1.53
CA ALA A 193 15.21 -19.28 -0.26
C ALA A 193 14.12 -19.46 0.75
N SER A 194 13.23 -18.47 0.84
CA SER A 194 12.08 -18.59 1.69
C SER A 194 11.13 -19.68 1.33
N LEU A 195 10.84 -19.80 0.06
CA LEU A 195 9.91 -20.86 -0.42
C LEU A 195 10.48 -22.26 -0.03
N ASN A 196 11.73 -22.44 -0.42
CA ASN A 196 12.46 -23.69 -0.07
C ASN A 196 12.48 -23.96 1.42
N ALA A 197 12.78 -22.92 2.23
CA ALA A 197 12.85 -23.08 3.66
C ALA A 197 11.45 -23.42 4.26
N ALA A 198 10.40 -22.75 3.77
CA ALA A 198 9.09 -22.96 4.33
C ALA A 198 8.63 -24.41 4.08
N VAL A 199 8.87 -24.86 2.88
CA VAL A 199 8.56 -26.24 2.51
C VAL A 199 9.37 -27.23 3.36
N GLU A 200 10.65 -26.95 3.54
CA GLU A 200 11.52 -27.89 4.33
C GLU A 200 11.15 -27.94 5.83
N GLU A 201 10.78 -26.80 6.42
CA GLU A 201 10.31 -26.74 7.77
C GLU A 201 9.03 -27.46 7.94
N THR A 202 8.19 -27.45 6.88
CA THR A 202 6.95 -28.14 6.92
C THR A 202 7.23 -29.66 6.94
N LEU A 203 8.13 -30.11 6.09
CA LEU A 203 8.58 -31.54 6.16
C LEU A 203 9.18 -31.92 7.57
N LYS A 204 10.10 -31.11 8.09
N LYS A 204 10.05 -31.10 8.13
CA LYS A 204 10.62 -31.30 9.47
CA LYS A 204 10.60 -31.40 9.47
C LYS A 204 9.43 -31.50 10.42
C LYS A 204 9.53 -31.35 10.58
N PHE A 205 8.52 -30.52 10.41
CA PHE A 205 7.40 -30.54 11.37
C PHE A 205 6.56 -31.80 11.32
N ILE A 206 6.32 -32.31 10.12
CA ILE A 206 5.45 -33.44 10.00
C ILE A 206 6.21 -34.78 9.93
N GLU A 207 7.52 -34.74 10.16
CA GLU A 207 8.33 -35.97 9.98
C GLU A 207 7.81 -37.06 10.93
N ASN A 208 7.53 -36.66 12.17
CA ASN A 208 6.96 -37.60 13.15
C ASN A 208 5.53 -37.22 13.63
N ARG A 209 4.74 -36.69 12.70
CA ARG A 209 3.32 -36.36 12.93
C ARG A 209 2.64 -36.99 11.71
N ASP A 210 2.21 -38.22 11.83
CA ASP A 210 1.64 -38.90 10.66
C ASP A 210 0.13 -38.57 10.47
N LYS A 211 -0.55 -38.08 11.49
CA LYS A 211 -1.99 -37.80 11.26
C LYS A 211 -2.18 -36.30 10.88
N VAL A 212 -2.03 -36.07 9.59
CA VAL A 212 -2.09 -34.69 8.99
C VAL A 212 -3.46 -34.45 8.36
N ALA A 213 -4.09 -33.35 8.82
CA ALA A 213 -5.33 -32.86 8.27
C ALA A 213 -5.01 -31.53 7.50
N VAL A 214 -5.76 -31.29 6.45
CA VAL A 214 -5.65 -30.05 5.63
C VAL A 214 -7.01 -29.30 5.81
N LEU A 215 -6.92 -28.02 6.17
CA LEU A 215 -8.09 -27.17 6.42
C LEU A 215 -8.10 -26.08 5.34
N VAL A 216 -9.06 -26.19 4.41
CA VAL A 216 -9.16 -25.27 3.27
C VAL A 216 -9.90 -23.99 3.70
N GLY A 217 -9.27 -22.85 3.50
CA GLY A 217 -9.73 -21.57 4.02
C GLY A 217 -10.30 -20.65 2.94
N SER A 218 -11.02 -19.60 3.37
CA SER A 218 -11.79 -18.77 2.46
C SER A 218 -10.97 -17.74 1.70
N LYS A 219 -9.65 -17.74 1.91
N LYS A 219 -9.64 -17.70 1.90
CA LYS A 219 -8.77 -16.92 1.08
CA LYS A 219 -8.76 -16.90 1.01
C LYS A 219 -8.06 -17.73 0.02
C LYS A 219 -8.13 -17.70 -0.11
N LEU A 220 -8.51 -18.97 -0.25
CA LEU A 220 -7.76 -19.81 -1.19
C LEU A 220 -7.89 -19.31 -2.58
N ARG A 221 -9.10 -18.86 -2.96
CA ARG A 221 -9.29 -18.33 -4.33
C ARG A 221 -8.56 -17.00 -4.55
N ALA A 222 -8.54 -16.15 -3.54
CA ALA A 222 -7.77 -14.92 -3.62
C ALA A 222 -6.31 -15.17 -3.87
N ALA A 223 -5.78 -16.24 -3.30
CA ALA A 223 -4.40 -16.62 -3.57
C ALA A 223 -4.21 -17.41 -4.90
N ALA A 224 -5.28 -17.61 -5.70
CA ALA A 224 -5.26 -18.38 -6.93
C ALA A 224 -4.60 -19.75 -6.74
N ALA A 225 -4.90 -20.39 -5.62
CA ALA A 225 -4.18 -21.58 -5.19
C ALA A 225 -5.07 -22.84 -5.14
N GLU A 226 -6.26 -22.74 -5.72
CA GLU A 226 -7.20 -23.83 -5.60
C GLU A 226 -6.66 -25.12 -6.28
N GLU A 227 -6.20 -24.96 -7.48
CA GLU A 227 -5.62 -26.07 -8.22
C GLU A 227 -4.42 -26.66 -7.51
N ALA A 228 -3.55 -25.80 -6.93
CA ALA A 228 -2.35 -26.27 -6.29
C ALA A 228 -2.73 -27.03 -5.06
N ALA A 229 -3.83 -26.64 -4.39
CA ALA A 229 -4.24 -27.32 -3.19
C ALA A 229 -4.66 -28.78 -3.50
N VAL A 230 -5.24 -29.01 -4.66
CA VAL A 230 -5.64 -30.40 -5.05
C VAL A 230 -4.35 -31.19 -5.24
N LYS A 231 -3.40 -30.62 -5.90
CA LYS A 231 -2.11 -31.33 -6.10
C LYS A 231 -1.44 -31.72 -4.82
N PHE A 232 -1.38 -30.79 -3.85
CA PHE A 232 -0.86 -31.07 -2.56
C PHE A 232 -1.68 -32.16 -1.87
N ALA A 233 -3.00 -32.04 -1.88
CA ALA A 233 -3.83 -32.96 -1.11
C ALA A 233 -3.65 -34.42 -1.64
N ASP A 234 -3.60 -34.56 -2.95
CA ASP A 234 -3.41 -35.84 -3.61
C ASP A 234 -2.04 -36.47 -3.26
N ALA A 235 -0.99 -35.66 -3.16
CA ALA A 235 0.35 -36.13 -2.75
C ALA A 235 0.40 -36.53 -1.32
N LEU A 236 -0.20 -35.74 -0.45
CA LEU A 236 -0.20 -36.02 0.97
C LEU A 236 -1.00 -37.26 1.32
N GLY A 237 -2.15 -37.41 0.66
CA GLY A 237 -3.13 -38.45 1.01
C GLY A 237 -3.70 -38.29 2.39
N GLY A 238 -3.70 -37.07 2.93
CA GLY A 238 -4.40 -36.80 4.19
C GLY A 238 -5.90 -36.46 4.02
N ALA A 239 -6.53 -36.17 5.13
CA ALA A 239 -7.94 -35.79 5.22
C ALA A 239 -7.98 -34.29 4.92
N VAL A 240 -8.90 -33.88 4.08
CA VAL A 240 -9.06 -32.45 3.68
C VAL A 240 -10.48 -32.03 4.10
N ALA A 241 -10.61 -31.00 4.95
CA ALA A 241 -11.92 -30.41 5.22
C ALA A 241 -11.89 -28.91 4.82
N THR A 242 -13.08 -28.36 4.53
CA THR A 242 -13.25 -26.91 4.23
C THR A 242 -13.83 -26.19 5.38
N MET A 243 -13.33 -24.97 5.69
CA MET A 243 -14.04 -24.07 6.53
C MET A 243 -15.33 -23.70 5.85
N ALA A 244 -16.29 -23.31 6.66
CA ALA A 244 -17.62 -22.98 6.14
C ALA A 244 -17.60 -22.02 4.95
N ALA A 245 -16.77 -20.97 5.05
CA ALA A 245 -16.76 -19.95 3.96
C ALA A 245 -15.95 -20.34 2.72
N ALA A 246 -15.30 -21.49 2.81
CA ALA A 246 -14.50 -22.00 1.71
C ALA A 246 -15.25 -23.13 0.95
N LYS A 247 -16.53 -23.25 1.16
CA LYS A 247 -17.30 -24.22 0.40
C LYS A 247 -17.14 -24.04 -1.10
N SER A 248 -16.80 -25.13 -1.78
CA SER A 248 -16.53 -25.15 -3.21
C SER A 248 -15.13 -24.75 -3.63
N PHE A 249 -14.29 -24.44 -2.67
CA PHE A 249 -12.88 -24.11 -2.96
C PHE A 249 -12.02 -25.38 -2.98
N PHE A 250 -12.65 -26.56 -2.84
CA PHE A 250 -11.94 -27.85 -2.94
C PHE A 250 -12.94 -28.88 -3.51
N PRO A 251 -12.47 -29.76 -4.40
CA PRO A 251 -13.48 -30.64 -5.12
C PRO A 251 -14.05 -31.70 -4.20
N GLU A 252 -15.35 -31.76 -4.07
CA GLU A 252 -15.92 -32.56 -3.00
C GLU A 252 -15.99 -34.10 -3.36
N GLU A 253 -15.83 -34.38 -4.65
CA GLU A 253 -15.70 -35.78 -5.13
C GLU A 253 -14.28 -36.36 -4.96
N ASN A 254 -13.32 -35.52 -4.55
CA ASN A 254 -11.98 -36.02 -4.22
C ASN A 254 -12.06 -36.92 -3.00
N PRO A 255 -11.53 -38.19 -3.09
CA PRO A 255 -11.56 -39.12 -1.94
C PRO A 255 -10.88 -38.66 -0.65
N HIS A 256 -10.04 -37.61 -0.69
CA HIS A 256 -9.49 -37.09 0.55
C HIS A 256 -10.39 -36.11 1.25
N TYR A 257 -11.47 -35.66 0.59
CA TYR A 257 -12.39 -34.69 1.19
C TYR A 257 -13.37 -35.32 2.11
N ILE A 258 -13.38 -34.85 3.36
CA ILE A 258 -14.23 -35.35 4.43
C ILE A 258 -15.43 -34.46 4.82
N GLY A 259 -15.51 -33.26 4.23
CA GLY A 259 -16.60 -32.34 4.51
C GLY A 259 -16.22 -31.04 5.15
N THR A 260 -17.22 -30.39 5.71
CA THR A 260 -17.07 -29.16 6.47
C THR A 260 -16.51 -29.31 7.87
N SER A 261 -15.48 -28.53 8.19
CA SER A 261 -15.02 -28.26 9.55
C SER A 261 -15.55 -26.91 10.06
N TRP A 262 -16.44 -26.97 11.05
CA TRP A 262 -17.12 -25.81 11.61
C TRP A 262 -17.59 -26.14 13.05
N GLY A 263 -16.61 -26.52 13.86
CA GLY A 263 -16.84 -26.74 15.28
C GLY A 263 -17.86 -27.87 15.52
N GLU A 264 -18.79 -27.58 16.44
CA GLU A 264 -19.86 -28.48 16.74
C GLU A 264 -20.85 -28.60 15.58
N VAL A 265 -20.77 -27.79 14.50
CA VAL A 265 -21.62 -28.02 13.32
C VAL A 265 -20.86 -28.56 12.11
N SER A 266 -19.74 -29.23 12.36
CA SER A 266 -18.98 -29.91 11.34
C SER A 266 -19.72 -31.10 10.78
N TYR A 267 -19.31 -31.58 9.63
CA TYR A 267 -19.90 -32.82 9.12
C TYR A 267 -19.50 -33.95 10.09
N PRO A 268 -20.24 -35.07 10.07
CA PRO A 268 -19.95 -36.21 10.93
C PRO A 268 -18.49 -36.74 10.77
N GLY A 269 -17.87 -36.96 11.92
CA GLY A 269 -16.51 -37.42 11.95
C GLY A 269 -15.48 -36.32 11.98
N VAL A 270 -15.83 -35.12 11.53
CA VAL A 270 -14.77 -34.13 11.19
C VAL A 270 -14.17 -33.52 12.43
N GLU A 271 -15.03 -33.19 13.39
CA GLU A 271 -14.59 -32.57 14.60
C GLU A 271 -13.59 -33.49 15.33
N LYS A 272 -13.86 -34.78 15.39
N LYS A 272 -13.94 -34.77 15.37
CA LYS A 272 -12.93 -35.70 16.11
CA LYS A 272 -13.11 -35.81 16.00
C LYS A 272 -11.67 -36.00 15.31
C LYS A 272 -11.75 -35.92 15.32
N THR A 273 -11.80 -36.10 13.99
CA THR A 273 -10.62 -36.15 13.15
C THR A 273 -9.71 -34.95 13.35
N MET A 274 -10.27 -33.74 13.48
N MET A 274 -10.28 -33.75 13.46
CA MET A 274 -9.42 -32.55 13.68
CA MET A 274 -9.45 -32.54 13.71
C MET A 274 -8.78 -32.50 15.09
C MET A 274 -8.77 -32.56 15.07
N LYS A 275 -9.55 -32.90 16.10
CA LYS A 275 -9.05 -32.99 17.48
C LYS A 275 -7.85 -33.95 17.61
N GLU A 276 -7.90 -35.07 16.89
N GLU A 276 -7.91 -35.08 16.93
N GLU A 276 -7.93 -35.09 16.94
CA GLU A 276 -6.89 -36.11 16.97
CA GLU A 276 -6.87 -36.07 17.05
CA GLU A 276 -6.91 -36.12 17.01
C GLU A 276 -5.91 -36.16 15.81
C GLU A 276 -5.72 -35.95 16.06
C GLU A 276 -5.74 -35.95 16.06
N ALA A 277 -5.86 -35.10 15.03
CA ALA A 277 -4.79 -34.94 14.04
C ALA A 277 -3.58 -34.43 14.83
N ASP A 278 -2.40 -34.80 14.36
CA ASP A 278 -1.13 -34.33 14.91
C ASP A 278 -0.64 -33.03 14.28
N ALA A 279 -1.07 -32.77 13.05
CA ALA A 279 -0.74 -31.51 12.36
C ALA A 279 -1.94 -31.09 11.53
N VAL A 280 -2.18 -29.78 11.51
CA VAL A 280 -3.29 -29.22 10.70
C VAL A 280 -2.62 -28.23 9.78
N ILE A 281 -2.61 -28.54 8.52
CA ILE A 281 -2.12 -27.57 7.50
C ILE A 281 -3.29 -26.66 6.99
N ALA A 282 -3.29 -25.38 7.42
CA ALA A 282 -4.44 -24.50 7.11
C ALA A 282 -4.08 -23.65 5.88
N LEU A 283 -4.90 -23.72 4.85
CA LEU A 283 -4.58 -23.08 3.62
C LEU A 283 -5.45 -21.83 3.48
N ALA A 284 -4.83 -20.69 3.67
CA ALA A 284 -5.49 -19.36 3.52
C ALA A 284 -6.78 -19.22 4.39
N PRO A 285 -6.72 -19.51 5.69
CA PRO A 285 -7.88 -19.43 6.54
C PRO A 285 -8.19 -18.02 7.03
N VAL A 286 -9.46 -17.77 7.32
CA VAL A 286 -9.86 -16.67 8.15
C VAL A 286 -10.54 -17.17 9.43
N PHE A 287 -9.87 -16.96 10.59
CA PHE A 287 -10.35 -17.40 11.89
C PHE A 287 -11.07 -16.22 12.53
N ASN A 288 -12.36 -16.20 12.52
CA ASN A 288 -13.08 -15.11 13.12
C ASN A 288 -14.08 -15.66 14.15
N ASP A 289 -14.89 -14.76 14.73
CA ASP A 289 -15.91 -15.19 15.70
C ASP A 289 -16.94 -16.17 15.14
N TYR A 290 -17.24 -16.08 13.86
CA TYR A 290 -18.26 -16.90 13.21
C TYR A 290 -17.64 -18.20 12.78
N SER A 291 -16.44 -18.15 12.23
CA SER A 291 -15.81 -19.32 11.66
C SER A 291 -15.30 -20.22 12.74
N THR A 292 -15.07 -19.67 13.94
CA THR A 292 -14.63 -20.45 15.12
C THR A 292 -15.84 -20.85 16.05
N THR A 293 -17.07 -20.61 15.56
CA THR A 293 -18.33 -20.91 16.30
C THR A 293 -18.33 -20.23 17.66
N GLY A 294 -18.26 -18.90 17.62
CA GLY A 294 -18.20 -18.08 18.84
C GLY A 294 -16.98 -18.29 19.70
N TRP A 295 -15.84 -18.49 19.06
CA TRP A 295 -14.55 -18.75 19.71
C TRP A 295 -14.49 -20.10 20.49
N THR A 296 -15.38 -21.04 20.21
CA THR A 296 -15.32 -22.42 20.85
C THR A 296 -14.43 -23.40 20.07
N ASP A 297 -14.08 -23.10 18.82
CA ASP A 297 -13.33 -24.03 17.99
C ASP A 297 -12.12 -23.27 17.38
N ILE A 298 -11.02 -23.21 18.11
CA ILE A 298 -9.81 -22.45 17.67
C ILE A 298 -8.74 -23.46 17.36
N PRO A 299 -8.04 -23.32 16.24
CA PRO A 299 -7.08 -24.39 15.98
C PRO A 299 -5.93 -24.43 17.06
N ASP A 300 -5.45 -25.65 17.30
CA ASP A 300 -4.44 -25.89 18.32
C ASP A 300 -3.10 -25.34 17.88
N PRO A 301 -2.56 -24.36 18.62
CA PRO A 301 -1.39 -23.67 18.10
C PRO A 301 -0.16 -24.58 17.98
N LYS A 302 -0.14 -25.69 18.71
CA LYS A 302 0.96 -26.65 18.66
C LYS A 302 0.97 -27.49 17.42
N LYS A 303 -0.15 -27.56 16.71
CA LYS A 303 -0.31 -28.41 15.50
C LYS A 303 -0.42 -27.64 14.15
N LEU A 304 -0.50 -26.31 14.21
CA LEU A 304 -0.95 -25.51 13.06
C LEU A 304 0.21 -25.10 12.17
N VAL A 305 0.13 -25.51 10.92
CA VAL A 305 0.93 -24.92 9.87
C VAL A 305 0.04 -23.85 9.18
N LEU A 306 0.45 -22.56 9.19
CA LEU A 306 -0.46 -21.48 8.77
C LEU A 306 0.05 -20.99 7.43
N ALA A 307 -0.54 -21.44 6.31
CA ALA A 307 -0.09 -21.07 4.99
C ALA A 307 -1.08 -20.06 4.39
N GLU A 308 -0.72 -18.80 4.50
CA GLU A 308 -1.56 -17.69 4.05
C GLU A 308 -1.22 -17.37 2.62
N PRO A 309 -1.97 -16.41 1.99
CA PRO A 309 -1.62 -16.14 0.62
C PRO A 309 -0.24 -15.75 0.28
N ARG A 310 0.42 -15.00 1.14
CA ARG A 310 1.72 -14.48 0.88
C ARG A 310 2.77 -14.80 1.93
N SER A 311 2.42 -15.66 2.91
CA SER A 311 3.36 -16.00 3.97
C SER A 311 3.04 -17.35 4.52
N VAL A 312 4.05 -18.03 5.09
CA VAL A 312 3.80 -19.27 5.82
C VAL A 312 4.38 -19.12 7.22
N VAL A 313 3.61 -19.46 8.24
CA VAL A 313 4.15 -19.60 9.59
C VAL A 313 4.18 -21.08 9.90
N VAL A 314 5.39 -21.63 10.04
CA VAL A 314 5.54 -23.08 10.24
C VAL A 314 6.70 -23.37 11.19
N ASN A 315 6.46 -24.27 12.13
CA ASN A 315 7.57 -24.68 13.05
C ASN A 315 8.14 -23.43 13.73
N GLY A 316 7.29 -22.50 14.11
CA GLY A 316 7.70 -21.30 14.88
C GLY A 316 8.41 -20.20 14.11
N ILE A 317 8.41 -20.30 12.82
CA ILE A 317 9.12 -19.35 11.95
C ILE A 317 8.14 -18.71 10.94
N ARG A 318 8.22 -17.39 10.81
CA ARG A 318 7.38 -16.68 9.78
C ARG A 318 8.20 -16.47 8.55
N PHE A 319 7.67 -16.99 7.44
CA PHE A 319 8.21 -16.76 6.12
C PHE A 319 7.34 -15.85 5.24
N PRO A 320 7.61 -14.53 5.25
CA PRO A 320 7.02 -13.67 4.23
C PRO A 320 7.57 -13.95 2.86
N SER A 321 6.92 -13.38 1.84
CA SER A 321 7.32 -13.46 0.48
C SER A 321 7.32 -14.90 -0.07
N VAL A 322 6.38 -15.68 0.42
CA VAL A 322 6.13 -17.08 -0.06
C VAL A 322 4.64 -17.14 -0.47
N HIS A 323 4.45 -17.24 -1.76
CA HIS A 323 3.10 -17.26 -2.33
C HIS A 323 2.53 -18.63 -2.25
N LEU A 324 1.30 -18.67 -1.78
CA LEU A 324 0.65 -19.96 -1.49
C LEU A 324 0.63 -20.96 -2.64
N LYS A 325 0.31 -20.52 -3.83
CA LYS A 325 0.33 -21.40 -4.99
C LYS A 325 1.68 -22.07 -5.13
N ASP A 326 2.77 -21.30 -4.94
CA ASP A 326 4.16 -21.81 -5.03
C ASP A 326 4.50 -22.76 -3.92
N TYR A 327 4.11 -22.43 -2.69
CA TYR A 327 4.30 -23.29 -1.57
C TYR A 327 3.64 -24.64 -1.74
N LEU A 328 2.37 -24.60 -2.14
CA LEU A 328 1.60 -25.86 -2.37
C LEU A 328 2.18 -26.70 -3.51
N THR A 329 2.60 -26.07 -4.58
CA THR A 329 3.14 -26.79 -5.74
C THR A 329 4.40 -27.52 -5.32
N ARG A 330 5.29 -26.80 -4.62
CA ARG A 330 6.59 -27.38 -4.24
C ARG A 330 6.39 -28.42 -3.16
N LEU A 331 5.55 -28.09 -2.17
CA LEU A 331 5.23 -29.03 -1.12
C LEU A 331 4.63 -30.32 -1.71
N ALA A 332 3.83 -30.21 -2.77
CA ALA A 332 3.21 -31.38 -3.38
C ALA A 332 4.31 -32.31 -3.96
N GLU A 333 5.33 -31.72 -4.56
CA GLU A 333 6.50 -32.43 -5.12
C GLU A 333 7.36 -33.12 -4.07
N LYS A 334 7.46 -32.62 -2.86
CA LYS A 334 8.43 -33.11 -1.91
C LYS A 334 7.82 -33.95 -0.83
N VAL A 335 6.50 -33.83 -0.57
CA VAL A 335 5.91 -34.45 0.63
C VAL A 335 5.73 -35.98 0.43
N SER A 336 5.84 -36.74 1.52
CA SER A 336 5.58 -38.19 1.47
C SER A 336 4.10 -38.41 1.82
N LYS A 337 3.63 -39.66 1.67
CA LYS A 337 2.22 -39.98 1.91
C LYS A 337 1.98 -40.03 3.40
N LYS A 338 1.00 -39.29 3.94
CA LYS A 338 0.71 -39.18 5.36
C LYS A 338 -0.81 -39.39 5.54
N THR A 339 -1.24 -40.65 5.60
CA THR A 339 -2.65 -41.01 5.45
C THR A 339 -3.34 -41.14 6.76
N GLY A 340 -2.63 -40.95 7.84
CA GLY A 340 -3.08 -41.24 9.17
C GLY A 340 -4.43 -40.66 9.58
N ALA A 341 -4.68 -39.37 9.26
CA ALA A 341 -5.96 -38.71 9.70
C ALA A 341 -7.12 -39.18 8.92
N LEU A 342 -6.86 -39.43 7.67
CA LEU A 342 -7.87 -39.91 6.85
C LEU A 342 -8.22 -41.35 7.28
N ASP A 343 -7.19 -42.16 7.60
CA ASP A 343 -7.45 -43.54 8.14
C ASP A 343 -8.27 -43.39 9.41
N PHE A 344 -7.91 -42.46 10.30
CA PHE A 344 -8.64 -42.24 11.51
C PHE A 344 -10.11 -41.90 11.25
N PHE A 345 -10.38 -40.96 10.32
CA PHE A 345 -11.74 -40.60 9.89
C PHE A 345 -12.56 -41.79 9.44
N LYS A 346 -12.07 -42.55 8.47
CA LYS A 346 -12.80 -43.76 8.00
C LYS A 346 -13.10 -44.80 9.13
N SER A 347 -12.07 -45.14 9.89
CA SER A 347 -12.24 -45.98 11.10
C SER A 347 -13.29 -45.42 12.12
N LEU A 348 -13.69 -44.15 12.00
CA LEU A 348 -14.77 -43.65 12.85
C LEU A 348 -16.12 -44.27 12.54
N ASN A 349 -16.34 -44.69 11.30
CA ASN A 349 -17.69 -45.01 10.83
C ASN A 349 -18.70 -44.01 11.37
N ALA A 350 -18.43 -42.71 11.21
CA ALA A 350 -19.38 -41.69 11.69
C ALA A 350 -20.51 -41.50 10.68
N GLY A 351 -20.34 -42.12 9.50
CA GLY A 351 -21.30 -42.14 8.44
C GLY A 351 -21.30 -40.79 7.73
N GLU A 352 -22.19 -40.68 6.75
CA GLU A 352 -22.45 -39.42 6.04
C GLU A 352 -23.48 -38.52 6.72
N LEU A 353 -23.42 -37.23 6.35
CA LEU A 353 -24.32 -36.22 6.86
C LEU A 353 -25.75 -36.72 6.66
N LYS A 354 -26.56 -36.71 7.73
CA LYS A 354 -27.93 -37.30 7.66
C LYS A 354 -28.86 -36.36 6.94
N LYS A 355 -29.45 -36.85 5.86
CA LYS A 355 -30.32 -36.10 4.99
C LYS A 355 -31.71 -36.73 4.96
N ALA A 356 -32.73 -35.89 5.01
CA ALA A 356 -34.12 -36.34 4.95
C ALA A 356 -34.48 -36.98 3.59
N ASP A 357 -35.40 -37.95 3.66
CA ASP A 357 -36.03 -38.58 2.50
C ASP A 357 -36.97 -37.60 1.80
N PRO A 358 -37.34 -37.90 0.54
CA PRO A 358 -38.35 -37.10 -0.14
C PRO A 358 -39.68 -36.97 0.65
N ALA A 359 -40.22 -35.74 0.66
CA ALA A 359 -41.46 -35.43 1.34
C ALA A 359 -42.64 -36.04 0.58
N ASP A 360 -43.74 -36.22 1.31
N ASP A 360 -43.73 -36.28 1.29
CA ASP A 360 -45.06 -36.52 0.70
CA ASP A 360 -44.99 -36.62 0.60
C ASP A 360 -45.46 -35.34 -0.22
C ASP A 360 -45.46 -35.39 -0.23
N PRO A 361 -45.98 -35.61 -1.44
CA PRO A 361 -46.28 -34.52 -2.40
C PRO A 361 -47.09 -33.31 -1.91
N SER A 362 -48.10 -33.56 -1.07
CA SER A 362 -49.06 -32.56 -0.66
C SER A 362 -48.86 -32.04 0.73
N ALA A 363 -47.91 -32.59 1.47
CA ALA A 363 -47.65 -32.12 2.81
C ALA A 363 -47.06 -30.67 2.80
N PRO A 364 -47.18 -29.96 3.91
CA PRO A 364 -46.58 -28.62 3.95
C PRO A 364 -45.07 -28.66 3.68
N LEU A 365 -44.60 -27.71 2.87
CA LEU A 365 -43.20 -27.75 2.50
C LEU A 365 -42.41 -27.48 3.71
N VAL A 366 -41.29 -28.17 3.79
CA VAL A 366 -40.35 -27.92 4.89
C VAL A 366 -38.93 -27.57 4.39
N ASN A 367 -38.21 -26.86 5.24
CA ASN A 367 -36.80 -26.44 4.95
C ASN A 367 -35.99 -27.54 4.38
N ALA A 368 -36.02 -28.71 5.03
CA ALA A 368 -35.25 -29.85 4.48
C ALA A 368 -35.59 -30.33 3.06
N GLU A 369 -36.85 -30.16 2.63
CA GLU A 369 -37.25 -30.59 1.27
C GLU A 369 -36.83 -29.54 0.22
N ILE A 370 -36.90 -28.28 0.58
CA ILE A 370 -36.36 -27.27 -0.34
C ILE A 370 -34.89 -27.61 -0.59
N ALA A 371 -34.13 -27.82 0.51
CA ALA A 371 -32.68 -28.15 0.37
C ALA A 371 -32.45 -29.38 -0.52
N ARG A 372 -33.26 -30.41 -0.33
CA ARG A 372 -33.19 -31.58 -1.18
C ARG A 372 -33.41 -31.36 -2.68
N GLN A 373 -34.48 -30.61 -3.05
CA GLN A 373 -34.73 -30.37 -4.47
C GLN A 373 -33.67 -29.41 -5.08
N ILE A 374 -33.20 -28.45 -4.30
CA ILE A 374 -32.08 -27.61 -4.79
C ILE A 374 -30.83 -28.47 -5.02
N GLU A 375 -30.51 -29.33 -4.05
CA GLU A 375 -29.33 -30.20 -4.22
C GLU A 375 -29.46 -31.03 -5.48
N ASP A 376 -30.65 -31.53 -5.74
CA ASP A 376 -30.94 -32.23 -6.99
C ASP A 376 -30.74 -31.48 -8.28
N LEU A 377 -30.86 -30.14 -8.27
CA LEU A 377 -30.54 -29.30 -9.42
C LEU A 377 -29.10 -29.07 -9.72
N LEU A 378 -28.20 -29.35 -8.77
CA LEU A 378 -26.80 -28.97 -8.96
C LEU A 378 -26.13 -29.75 -10.05
N THR A 379 -25.45 -29.04 -10.94
CA THR A 379 -24.61 -29.61 -11.95
C THR A 379 -23.19 -29.05 -11.82
N PRO A 380 -22.22 -29.61 -12.55
CA PRO A 380 -20.88 -29.04 -12.61
C PRO A 380 -20.83 -27.58 -13.12
N ASN A 381 -21.86 -27.13 -13.83
CA ASN A 381 -21.97 -25.79 -14.40
C ASN A 381 -22.86 -24.83 -13.54
N THR A 382 -23.12 -25.21 -12.29
CA THR A 382 -24.02 -24.45 -11.40
C THR A 382 -23.23 -23.59 -10.44
N THR A 383 -23.77 -22.40 -10.20
CA THR A 383 -23.30 -21.60 -9.05
C THR A 383 -24.47 -21.31 -8.16
N VAL A 384 -24.33 -21.54 -6.85
CA VAL A 384 -25.34 -21.12 -5.93
C VAL A 384 -24.85 -19.92 -5.08
N ILE A 385 -25.60 -18.77 -5.13
CA ILE A 385 -25.34 -17.58 -4.38
C ILE A 385 -26.17 -17.74 -3.11
N ALA A 386 -25.52 -17.84 -1.97
CA ALA A 386 -26.21 -18.18 -0.69
C ALA A 386 -26.10 -17.03 0.31
N GLU A 387 -27.24 -16.45 0.60
CA GLU A 387 -27.36 -15.30 1.51
C GLU A 387 -27.09 -15.69 2.96
N THR A 388 -26.65 -14.66 3.72
CA THR A 388 -26.63 -14.67 5.20
C THR A 388 -27.99 -14.92 5.74
N GLY A 389 -28.10 -15.92 6.58
CA GLY A 389 -29.42 -16.41 7.02
C GLY A 389 -29.32 -17.90 7.16
N ASP A 390 -30.44 -18.58 7.38
CA ASP A 390 -30.37 -20.07 7.34
C ASP A 390 -29.82 -20.64 6.02
N SER A 391 -29.92 -19.89 4.87
CA SER A 391 -29.36 -20.32 3.64
C SER A 391 -27.88 -20.63 3.75
N TRP A 392 -27.14 -19.93 4.62
CA TRP A 392 -25.72 -20.31 4.90
C TRP A 392 -25.63 -21.86 5.20
N PHE A 393 -26.50 -22.32 6.09
CA PHE A 393 -26.42 -23.69 6.62
C PHE A 393 -27.00 -24.67 5.63
N ASN A 394 -28.09 -24.29 4.92
CA ASN A 394 -28.61 -25.18 3.87
C ASN A 394 -27.57 -25.39 2.78
N ALA A 395 -26.93 -24.30 2.36
CA ALA A 395 -26.01 -24.45 1.27
C ALA A 395 -24.84 -25.31 1.75
N GLN A 396 -24.47 -25.20 3.03
CA GLN A 396 -23.30 -25.88 3.50
C GLN A 396 -23.46 -27.40 3.45
N ARG A 397 -24.70 -27.82 3.67
CA ARG A 397 -25.08 -29.23 3.69
C ARG A 397 -25.12 -29.93 2.28
N MET A 398 -25.09 -29.15 1.19
N MET A 398 -25.01 -29.17 1.19
CA MET A 398 -25.19 -29.71 -0.15
CA MET A 398 -25.21 -29.74 -0.12
C MET A 398 -23.95 -30.45 -0.51
C MET A 398 -23.95 -30.38 -0.65
N LYS A 399 -24.12 -31.53 -1.27
CA LYS A 399 -23.02 -32.24 -1.91
C LYS A 399 -22.74 -31.69 -3.28
N LEU A 400 -21.55 -31.10 -3.51
CA LEU A 400 -21.31 -30.45 -4.76
C LEU A 400 -20.63 -31.37 -5.77
N PRO A 401 -21.21 -31.48 -6.94
CA PRO A 401 -20.40 -32.10 -7.97
C PRO A 401 -19.24 -31.25 -8.37
N ASN A 402 -18.14 -31.88 -8.83
CA ASN A 402 -16.95 -31.11 -9.13
C ASN A 402 -17.28 -30.12 -10.21
N GLY A 403 -16.89 -28.88 -9.95
CA GLY A 403 -17.16 -27.81 -10.89
C GLY A 403 -18.22 -26.84 -10.34
N ALA A 404 -19.16 -27.32 -9.56
CA ALA A 404 -20.20 -26.47 -8.98
C ALA A 404 -19.59 -25.51 -7.96
N ARG A 405 -20.14 -24.31 -7.93
CA ARG A 405 -19.61 -23.26 -7.06
C ARG A 405 -20.63 -22.79 -6.09
N VAL A 406 -20.16 -22.39 -4.89
CA VAL A 406 -21.03 -21.72 -3.94
C VAL A 406 -20.36 -20.36 -3.66
N GLU A 407 -21.16 -19.32 -3.59
CA GLU A 407 -20.70 -17.97 -3.25
C GLU A 407 -21.31 -17.56 -1.95
N TYR A 408 -20.44 -17.28 -0.99
CA TYR A 408 -20.78 -16.80 0.33
C TYR A 408 -20.19 -15.42 0.60
N GLU A 409 -20.88 -14.67 1.45
CA GLU A 409 -20.32 -13.34 1.91
C GLU A 409 -20.30 -13.41 3.46
N MET A 410 -19.50 -14.36 3.97
N MET A 410 -19.53 -14.38 3.97
CA MET A 410 -19.54 -14.65 5.39
CA MET A 410 -19.53 -14.69 5.41
C MET A 410 -18.72 -13.71 6.26
C MET A 410 -18.62 -13.81 6.27
N GLN A 411 -17.76 -13.00 5.66
CA GLN A 411 -16.91 -12.07 6.46
C GLN A 411 -17.68 -10.72 6.64
N TRP A 412 -18.24 -10.18 5.55
CA TRP A 412 -18.98 -8.95 5.68
C TRP A 412 -20.39 -9.21 6.23
N GLY A 413 -21.08 -10.16 5.62
CA GLY A 413 -22.42 -10.56 6.15
C GLY A 413 -23.51 -9.51 6.06
N HIS A 414 -23.60 -8.79 4.94
CA HIS A 414 -24.59 -7.74 4.75
C HIS A 414 -25.83 -8.38 4.18
N ILE A 415 -26.91 -8.48 4.96
CA ILE A 415 -28.08 -9.13 4.41
C ILE A 415 -28.57 -8.31 3.25
N GLY A 416 -29.00 -9.01 2.22
CA GLY A 416 -29.33 -8.35 1.01
C GLY A 416 -28.24 -8.34 -0.06
N TRP A 417 -26.99 -8.60 0.31
CA TRP A 417 -25.88 -8.76 -0.64
C TRP A 417 -26.25 -9.61 -1.83
N SER A 418 -27.00 -10.65 -1.57
CA SER A 418 -27.12 -11.76 -2.49
C SER A 418 -27.84 -11.39 -3.74
N VAL A 419 -28.73 -10.43 -3.67
CA VAL A 419 -29.61 -10.17 -4.81
C VAL A 419 -28.82 -9.41 -5.86
N PRO A 420 -28.19 -8.26 -5.50
CA PRO A 420 -27.33 -7.63 -6.49
C PRO A 420 -26.07 -8.44 -6.81
N ALA A 421 -25.49 -9.16 -5.84
CA ALA A 421 -24.41 -10.04 -6.16
C ALA A 421 -24.76 -11.10 -7.23
N ALA A 422 -25.94 -11.67 -7.14
CA ALA A 422 -26.39 -12.68 -8.12
C ALA A 422 -26.61 -12.05 -9.48
N PHE A 423 -27.13 -10.83 -9.49
CA PHE A 423 -27.25 -10.04 -10.73
C PHE A 423 -25.90 -9.86 -11.39
N GLY A 424 -24.93 -9.33 -10.63
CA GLY A 424 -23.62 -9.12 -11.19
C GLY A 424 -22.90 -10.40 -11.53
N TYR A 425 -23.09 -11.43 -10.75
CA TYR A 425 -22.42 -12.72 -11.03
C TYR A 425 -23.02 -13.27 -12.37
N ALA A 426 -24.33 -13.15 -12.50
CA ALA A 426 -25.00 -13.67 -13.71
C ALA A 426 -24.68 -12.92 -14.98
N VAL A 427 -24.40 -11.62 -14.88
CA VAL A 427 -23.86 -10.81 -15.97
C VAL A 427 -22.48 -11.36 -16.39
N GLY A 428 -21.66 -11.62 -15.40
CA GLY A 428 -20.33 -12.12 -15.60
C GLY A 428 -20.18 -13.58 -16.01
N ALA A 429 -21.15 -14.40 -15.69
CA ALA A 429 -21.07 -15.87 -15.93
C ALA A 429 -22.42 -16.36 -16.54
N PRO A 430 -22.81 -15.80 -17.67
CA PRO A 430 -24.14 -16.08 -18.20
C PRO A 430 -24.28 -17.54 -18.69
N GLU A 431 -23.16 -18.20 -19.02
CA GLU A 431 -23.16 -19.64 -19.37
C GLU A 431 -23.57 -20.57 -18.22
N ARG A 432 -23.44 -20.14 -16.95
CA ARG A 432 -23.66 -21.01 -15.83
C ARG A 432 -25.15 -21.10 -15.50
N ARG A 433 -25.51 -22.14 -14.79
CA ARG A 433 -26.80 -22.21 -14.14
C ARG A 433 -26.66 -21.46 -12.80
N ASN A 434 -27.27 -20.28 -12.73
CA ASN A 434 -27.09 -19.36 -11.60
C ASN A 434 -28.34 -19.42 -10.72
N ILE A 435 -28.15 -19.84 -9.47
CA ILE A 435 -29.18 -20.06 -8.49
C ILE A 435 -28.91 -19.12 -7.30
N LEU A 436 -29.90 -18.39 -6.92
CA LEU A 436 -29.89 -17.54 -5.72
C LEU A 436 -30.79 -18.12 -4.65
N MET A 437 -30.24 -18.34 -3.46
N MET A 437 -30.23 -18.36 -3.46
CA MET A 437 -30.99 -18.77 -2.28
CA MET A 437 -30.98 -18.79 -2.28
C MET A 437 -30.96 -17.62 -1.28
C MET A 437 -30.97 -17.67 -1.23
N VAL A 438 -32.11 -17.03 -1.06
CA VAL A 438 -32.24 -15.80 -0.30
C VAL A 438 -33.46 -15.84 0.57
N GLY A 439 -33.28 -15.44 1.84
CA GLY A 439 -34.39 -15.29 2.77
C GLY A 439 -35.21 -14.04 2.53
N ASP A 440 -36.44 -14.08 3.02
CA ASP A 440 -37.38 -12.95 2.88
C ASP A 440 -36.84 -11.67 3.43
N GLY A 441 -36.29 -11.69 4.65
CA GLY A 441 -35.70 -10.50 5.28
C GLY A 441 -34.61 -9.82 4.55
N SER A 442 -33.67 -10.61 4.11
CA SER A 442 -32.59 -10.15 3.24
C SER A 442 -33.08 -9.59 1.94
N PHE A 443 -34.03 -10.30 1.32
CA PHE A 443 -34.50 -9.93 0.00
C PHE A 443 -35.01 -8.50 0.04
N GLN A 444 -35.66 -8.10 1.15
CA GLN A 444 -36.28 -6.80 1.19
C GLN A 444 -35.30 -5.63 1.14
N LEU A 445 -34.05 -5.83 1.47
CA LEU A 445 -33.07 -4.74 1.46
C LEU A 445 -32.67 -4.26 0.08
N THR A 446 -32.67 -5.19 -0.88
CA THR A 446 -32.11 -5.03 -2.17
C THR A 446 -32.96 -5.59 -3.30
N ALA A 447 -34.22 -5.89 -3.06
CA ALA A 447 -35.11 -6.59 -4.01
C ALA A 447 -35.15 -5.97 -5.40
N GLN A 448 -34.98 -4.65 -5.47
CA GLN A 448 -35.17 -3.99 -6.74
C GLN A 448 -34.19 -4.42 -7.78
N GLU A 449 -33.04 -5.00 -7.41
CA GLU A 449 -32.11 -5.40 -8.44
C GLU A 449 -32.62 -6.58 -9.28
N VAL A 450 -33.64 -7.32 -8.82
CA VAL A 450 -34.30 -8.30 -9.65
C VAL A 450 -34.82 -7.66 -10.96
N ALA A 451 -35.25 -6.39 -10.92
CA ALA A 451 -35.73 -5.74 -12.08
C ALA A 451 -34.66 -5.62 -13.15
N GLN A 452 -33.40 -5.49 -12.73
CA GLN A 452 -32.28 -5.50 -13.67
C GLN A 452 -32.02 -6.86 -14.26
N MET A 453 -32.21 -7.94 -13.52
CA MET A 453 -32.16 -9.27 -14.05
C MET A 453 -33.22 -9.45 -15.15
N VAL A 454 -34.39 -8.91 -14.91
CA VAL A 454 -35.47 -8.87 -15.92
C VAL A 454 -35.05 -8.06 -17.15
N ARG A 455 -34.52 -6.86 -16.93
CA ARG A 455 -34.14 -5.96 -18.02
C ARG A 455 -33.13 -6.65 -18.91
N LEU A 456 -32.17 -7.38 -18.34
CA LEU A 456 -31.10 -7.94 -19.10
C LEU A 456 -31.36 -9.38 -19.51
N LYS A 457 -32.57 -9.86 -19.21
CA LYS A 457 -33.01 -11.19 -19.60
C LYS A 457 -32.19 -12.30 -19.02
N LEU A 458 -31.76 -12.17 -17.76
CA LEU A 458 -30.91 -13.12 -17.15
C LEU A 458 -31.70 -14.21 -16.50
N PRO A 459 -31.42 -15.50 -16.83
CA PRO A 459 -32.23 -16.61 -16.32
C PRO A 459 -31.83 -17.17 -14.98
N VAL A 460 -31.73 -16.28 -13.99
CA VAL A 460 -31.42 -16.60 -12.62
C VAL A 460 -32.60 -17.28 -11.96
N ILE A 461 -32.36 -18.37 -11.28
CA ILE A 461 -33.42 -19.06 -10.51
C ILE A 461 -33.30 -18.68 -9.05
N ILE A 462 -34.30 -17.97 -8.54
CA ILE A 462 -34.28 -17.45 -7.20
C ILE A 462 -35.21 -18.27 -6.28
N PHE A 463 -34.64 -18.92 -5.28
CA PHE A 463 -35.38 -19.53 -4.18
C PHE A 463 -35.49 -18.56 -3.03
N LEU A 464 -36.64 -17.92 -2.90
CA LEU A 464 -36.95 -16.98 -1.84
C LEU A 464 -37.60 -17.80 -0.71
N ILE A 465 -36.93 -17.84 0.42
CA ILE A 465 -37.39 -18.65 1.56
C ILE A 465 -38.23 -17.79 2.45
N ASN A 466 -39.54 -17.98 2.38
CA ASN A 466 -40.46 -17.10 3.10
C ASN A 466 -40.80 -17.80 4.40
N ASN A 467 -40.02 -17.48 5.44
CA ASN A 467 -40.25 -17.92 6.84
C ASN A 467 -40.65 -16.72 7.76
N TYR A 468 -41.19 -15.64 7.19
CA TYR A 468 -41.84 -14.56 7.94
C TYR A 468 -40.93 -13.93 9.00
N GLY A 469 -39.74 -13.53 8.56
CA GLY A 469 -38.82 -12.68 9.36
C GLY A 469 -37.36 -13.15 9.43
N TYR A 470 -36.64 -12.65 10.46
CA TYR A 470 -35.18 -12.85 10.51
C TYR A 470 -34.86 -14.07 11.42
N THR A 471 -34.98 -15.25 10.86
CA THR A 471 -34.92 -16.46 11.68
C THR A 471 -33.54 -16.66 12.30
N ILE A 472 -32.48 -16.41 11.55
CA ILE A 472 -31.12 -16.43 12.19
C ILE A 472 -31.01 -15.51 13.48
N GLU A 473 -31.59 -14.29 13.43
CA GLU A 473 -31.57 -13.39 14.62
C GLU A 473 -32.45 -14.01 15.71
N VAL A 474 -33.56 -14.66 15.30
CA VAL A 474 -34.49 -15.29 16.28
C VAL A 474 -33.64 -16.29 17.06
N MET A 475 -32.77 -17.03 16.33
CA MET A 475 -31.88 -18.03 16.97
C MET A 475 -30.61 -17.49 17.67
N ILE A 476 -30.36 -16.17 17.60
CA ILE A 476 -29.28 -15.54 18.36
C ILE A 476 -29.94 -14.92 19.63
N HIS A 477 -30.99 -14.10 19.44
CA HIS A 477 -31.63 -13.37 20.54
C HIS A 477 -32.93 -12.74 20.02
N ASP A 478 -34.10 -13.23 20.49
CA ASP A 478 -35.34 -12.86 19.81
C ASP A 478 -35.94 -11.58 20.41
N GLY A 479 -36.65 -10.85 19.56
CA GLY A 479 -37.33 -9.63 19.98
C GLY A 479 -38.20 -9.18 18.80
N PRO A 480 -38.99 -8.09 18.99
CA PRO A 480 -40.02 -7.63 18.03
C PRO A 480 -39.33 -7.13 16.71
N TYR A 481 -38.05 -6.81 16.84
CA TYR A 481 -37.20 -6.30 15.70
C TYR A 481 -36.88 -7.40 14.68
N ASN A 482 -37.18 -8.67 15.00
CA ASN A 482 -36.98 -9.79 14.03
C ASN A 482 -38.20 -10.09 13.18
N ASN A 483 -39.29 -9.40 13.44
CA ASN A 483 -40.51 -9.51 12.62
C ASN A 483 -40.43 -8.54 11.49
N ILE A 484 -40.92 -8.92 10.33
CA ILE A 484 -40.90 -8.04 9.20
C ILE A 484 -42.28 -7.98 8.59
N LYS A 485 -42.53 -6.97 7.78
CA LYS A 485 -43.77 -6.86 7.02
C LYS A 485 -43.71 -7.88 5.88
N ASN A 486 -44.64 -8.84 5.82
CA ASN A 486 -44.65 -9.83 4.75
C ASN A 486 -45.10 -9.19 3.42
N TRP A 487 -44.51 -9.66 2.37
CA TRP A 487 -44.88 -9.28 1.02
C TRP A 487 -45.43 -10.47 0.25
N ASP A 488 -46.15 -10.18 -0.84
CA ASP A 488 -46.42 -11.16 -1.92
C ASP A 488 -45.22 -11.16 -2.85
N TYR A 489 -44.20 -11.91 -2.46
CA TYR A 489 -42.94 -11.89 -3.22
C TYR A 489 -43.10 -12.32 -4.65
N ALA A 490 -43.86 -13.41 -4.86
CA ALA A 490 -44.13 -13.92 -6.20
C ALA A 490 -44.71 -12.87 -7.13
N ALA A 491 -45.58 -12.03 -6.61
CA ALA A 491 -46.23 -10.99 -7.40
C ALA A 491 -45.32 -9.82 -7.82
N LEU A 492 -44.18 -9.74 -7.16
CA LEU A 492 -43.22 -8.71 -7.45
C LEU A 492 -42.63 -8.85 -8.84
N MET A 493 -42.60 -10.08 -9.36
N MET A 493 -42.53 -10.08 -9.35
CA MET A 493 -42.08 -10.31 -10.68
CA MET A 493 -42.07 -10.28 -10.73
C MET A 493 -42.89 -9.63 -11.77
C MET A 493 -42.89 -9.51 -11.74
N GLU A 494 -44.21 -9.60 -11.63
CA GLU A 494 -45.07 -8.89 -12.55
C GLU A 494 -44.86 -7.43 -12.47
N VAL A 495 -44.58 -6.94 -11.28
CA VAL A 495 -44.27 -5.48 -11.12
C VAL A 495 -43.06 -5.13 -11.96
N PHE A 496 -42.00 -5.96 -11.88
CA PHE A 496 -40.76 -5.66 -12.60
C PHE A 496 -40.88 -5.86 -14.11
N ASN A 497 -41.86 -6.64 -14.54
CA ASN A 497 -42.09 -6.80 -15.96
C ASN A 497 -42.62 -5.58 -16.58
N GLY A 498 -43.32 -4.71 -15.88
CA GLY A 498 -43.62 -3.37 -16.40
C GLY A 498 -45.05 -3.28 -16.89
N ASN A 499 -45.30 -2.52 -17.98
CA ASN A 499 -46.68 -2.43 -18.58
C ASN A 499 -47.19 -3.86 -19.01
N GLY A 500 -46.34 -4.88 -18.86
CA GLY A 500 -46.74 -6.26 -18.99
C GLY A 500 -46.81 -6.61 -20.46
N GLY A 501 -46.41 -5.68 -21.36
CA GLY A 501 -46.27 -5.94 -22.81
C GLY A 501 -45.28 -7.09 -22.95
N TYR A 502 -45.48 -7.92 -23.99
CA TYR A 502 -44.63 -9.13 -24.13
C TYR A 502 -43.11 -8.73 -24.12
N ASP A 503 -42.74 -7.66 -24.83
CA ASP A 503 -41.32 -7.17 -24.90
C ASP A 503 -40.76 -6.47 -23.63
N SER A 504 -41.63 -6.24 -22.63
CA SER A 504 -41.33 -5.49 -21.40
C SER A 504 -40.65 -6.32 -20.25
N GLY A 505 -40.81 -7.62 -20.23
CA GLY A 505 -40.06 -8.43 -19.31
C GLY A 505 -40.59 -9.84 -19.28
N ALA A 506 -39.73 -10.80 -19.01
CA ALA A 506 -40.05 -12.19 -18.96
C ALA A 506 -39.67 -12.79 -17.61
N GLY A 507 -39.73 -12.01 -16.55
CA GLY A 507 -39.64 -12.56 -15.21
C GLY A 507 -40.89 -13.38 -14.84
N LYS A 508 -40.73 -14.43 -14.05
CA LYS A 508 -41.86 -15.24 -13.57
C LYS A 508 -41.79 -15.37 -12.09
N GLY A 509 -42.92 -15.20 -11.38
CA GLY A 509 -43.01 -15.39 -9.96
C GLY A 509 -43.92 -16.55 -9.66
N LEU A 510 -43.47 -17.53 -8.87
CA LEU A 510 -44.25 -18.74 -8.57
C LEU A 510 -44.25 -18.94 -7.08
N LYS A 511 -45.23 -19.71 -6.59
CA LYS A 511 -45.39 -19.99 -5.20
C LYS A 511 -45.21 -21.50 -5.01
N ALA A 512 -44.51 -21.89 -3.97
CA ALA A 512 -44.38 -23.30 -3.60
C ALA A 512 -44.66 -23.51 -2.13
N LYS A 513 -45.73 -24.27 -1.84
CA LYS A 513 -46.14 -24.57 -0.48
C LYS A 513 -46.13 -26.08 -0.15
N THR A 514 -45.79 -26.87 -1.14
CA THR A 514 -45.64 -28.30 -1.03
C THR A 514 -44.50 -28.76 -1.90
N ALA A 515 -44.01 -29.97 -1.60
CA ALA A 515 -43.03 -30.59 -2.44
C ALA A 515 -43.41 -30.66 -3.91
N ALA A 516 -44.63 -31.09 -4.21
CA ALA A 516 -45.11 -31.13 -5.57
C ALA A 516 -45.12 -29.77 -6.27
N GLU A 517 -45.54 -28.77 -5.53
CA GLU A 517 -45.57 -27.39 -6.12
C GLU A 517 -44.14 -26.87 -6.41
N LEU A 518 -43.22 -27.22 -5.51
CA LEU A 518 -41.78 -26.91 -5.72
C LEU A 518 -41.22 -27.59 -6.94
N GLU A 519 -41.54 -28.86 -7.15
CA GLU A 519 -41.09 -29.56 -8.35
C GLU A 519 -41.54 -28.95 -9.62
N GLU A 520 -42.79 -28.58 -9.65
CA GLU A 520 -43.38 -27.99 -10.78
C GLU A 520 -42.80 -26.59 -11.01
N ALA A 521 -42.59 -25.85 -9.94
CA ALA A 521 -41.97 -24.48 -10.10
C ALA A 521 -40.55 -24.56 -10.64
N ILE A 522 -39.76 -25.52 -10.17
CA ILE A 522 -38.42 -25.73 -10.68
C ILE A 522 -38.43 -26.03 -12.17
N LYS A 523 -39.38 -26.87 -12.61
CA LYS A 523 -39.51 -27.11 -14.01
C LYS A 523 -39.76 -25.87 -14.86
N VAL A 524 -40.69 -25.03 -14.42
CA VAL A 524 -40.98 -23.79 -15.12
C VAL A 524 -39.75 -22.87 -15.13
N ALA A 525 -39.11 -22.74 -13.96
CA ALA A 525 -37.85 -22.00 -13.86
C ALA A 525 -36.79 -22.39 -14.90
N LEU A 526 -36.44 -23.68 -14.97
CA LEU A 526 -35.49 -24.18 -15.95
C LEU A 526 -35.93 -23.95 -17.39
N ASP A 527 -37.22 -23.97 -17.66
CA ASP A 527 -37.68 -23.62 -18.99
C ASP A 527 -37.70 -22.15 -19.30
N ASN A 528 -37.60 -21.28 -18.29
CA ASN A 528 -37.66 -19.83 -18.55
C ASN A 528 -36.28 -19.34 -18.92
N THR A 529 -35.99 -19.24 -20.22
CA THR A 529 -34.67 -18.81 -20.65
C THR A 529 -34.59 -17.30 -20.90
N ASP A 530 -35.67 -16.57 -20.82
CA ASP A 530 -35.70 -15.16 -21.19
C ASP A 530 -35.65 -14.19 -20.00
N GLY A 531 -35.67 -14.71 -18.78
CA GLY A 531 -35.69 -13.84 -17.62
C GLY A 531 -35.61 -14.68 -16.34
N PRO A 532 -35.58 -13.98 -15.18
CA PRO A 532 -35.45 -14.68 -13.93
C PRO A 532 -36.75 -15.28 -13.46
N THR A 533 -36.63 -16.28 -12.63
CA THR A 533 -37.74 -16.94 -12.01
C THR A 533 -37.59 -16.97 -10.50
N LEU A 534 -38.54 -16.34 -9.82
CA LEU A 534 -38.56 -16.29 -8.36
C LEU A 534 -39.56 -17.33 -7.87
N ILE A 535 -39.08 -18.28 -7.09
CA ILE A 535 -39.92 -19.27 -6.43
C ILE A 535 -40.03 -18.98 -5.00
N GLU A 536 -41.22 -18.56 -4.55
CA GLU A 536 -41.48 -18.16 -3.21
C GLU A 536 -41.82 -19.43 -2.45
N CYS A 537 -40.92 -19.80 -1.51
CA CYS A 537 -41.03 -21.06 -0.77
C CYS A 537 -41.52 -20.79 0.59
N PHE A 538 -42.69 -21.37 0.95
CA PHE A 538 -43.35 -21.04 2.20
C PHE A 538 -43.00 -22.10 3.21
N ILE A 539 -42.49 -21.68 4.37
CA ILE A 539 -42.20 -22.58 5.51
C ILE A 539 -42.47 -21.88 6.86
N ALA A 540 -42.52 -22.67 7.94
CA ALA A 540 -42.73 -22.12 9.33
C ALA A 540 -41.52 -21.29 9.85
N ARG A 541 -41.78 -20.30 10.70
CA ARG A 541 -40.72 -19.38 11.20
C ARG A 541 -39.49 -20.11 11.80
N GLU A 542 -39.78 -21.17 12.57
CA GLU A 542 -38.73 -21.88 13.31
C GLU A 542 -38.33 -23.22 12.68
N ASP A 543 -38.78 -23.45 11.45
CA ASP A 543 -38.39 -24.63 10.72
C ASP A 543 -37.04 -24.26 10.06
N CYS A 544 -35.98 -24.38 10.84
CA CYS A 544 -34.63 -24.09 10.32
C CYS A 544 -33.69 -25.27 10.54
N THR A 545 -32.48 -25.17 10.00
CA THR A 545 -31.48 -26.18 10.26
C THR A 545 -31.24 -26.35 11.79
N GLU A 546 -30.86 -27.60 12.16
CA GLU A 546 -30.35 -27.88 13.52
C GLU A 546 -29.04 -27.08 13.79
N GLU A 547 -28.22 -27.00 12.74
CA GLU A 547 -26.95 -26.29 12.78
C GLU A 547 -27.11 -24.83 13.20
N LEU A 548 -28.06 -24.16 12.59
CA LEU A 548 -28.28 -22.74 12.95
C LEU A 548 -28.54 -22.52 14.47
N VAL A 549 -29.36 -23.40 15.06
CA VAL A 549 -29.71 -23.30 16.51
C VAL A 549 -28.43 -23.40 17.35
N LYS A 550 -27.59 -24.35 16.98
CA LYS A 550 -26.41 -24.60 17.80
C LYS A 550 -25.39 -23.45 17.63
N TRP A 551 -25.19 -23.03 16.37
CA TRP A 551 -24.20 -21.98 16.09
C TRP A 551 -24.68 -20.67 16.71
N GLY A 552 -25.96 -20.35 16.52
CA GLY A 552 -26.62 -19.14 17.07
C GLY A 552 -26.41 -18.96 18.58
N GLU A 553 -26.41 -20.05 19.32
CA GLU A 553 -26.24 -19.95 20.78
C GLU A 553 -24.86 -19.56 21.14
N ARG A 554 -23.88 -20.19 20.49
CA ARG A 554 -22.48 -19.91 20.79
C ARG A 554 -22.13 -18.50 20.36
N VAL A 555 -22.77 -18.00 19.29
CA VAL A 555 -22.55 -16.60 18.83
C VAL A 555 -23.18 -15.59 19.82
N ALA A 556 -24.40 -15.85 20.27
CA ALA A 556 -25.01 -14.95 21.19
C ALA A 556 -24.03 -14.90 22.45
N ALA A 557 -23.49 -16.05 22.86
CA ALA A 557 -22.59 -16.10 24.06
C ALA A 557 -21.34 -15.37 23.90
N ALA A 558 -20.71 -15.47 22.75
CA ALA A 558 -19.49 -14.70 22.53
C ALA A 558 -19.78 -13.21 22.52
N ASN A 559 -20.86 -12.78 21.87
CA ASN A 559 -21.14 -11.33 21.72
C ASN A 559 -21.41 -10.70 23.05
N SER A 560 -22.13 -11.44 23.90
CA SER A 560 -22.56 -10.85 25.15
C SER A 560 -21.58 -11.08 26.28
N ARG A 561 -20.47 -11.74 26.06
CA ARG A 561 -19.60 -11.99 27.20
C ARG A 561 -19.18 -10.74 27.96
N LYS A 562 -19.14 -10.82 29.30
CA LYS A 562 -18.93 -9.66 30.17
C LYS A 562 -17.60 -9.03 29.94
N PRO A 563 -17.47 -7.71 30.18
CA PRO A 563 -16.17 -7.09 30.22
C PRO A 563 -15.27 -7.75 31.29
N VAL A 564 -13.98 -7.93 30.96
CA VAL A 564 -12.97 -8.40 31.94
C VAL A 564 -12.32 -7.24 32.73
N ASN A 565 -11.68 -7.51 33.85
CA ASN A 565 -10.95 -6.43 34.56
C ASN A 565 -9.69 -5.82 33.84
N LYS A 566 -9.67 -4.49 33.72
N LYS A 566 -9.64 -4.48 33.79
CA LYS A 566 -8.64 -3.71 33.00
CA LYS A 566 -8.62 -3.72 33.03
C LYS A 566 -7.60 -2.99 33.89
C LYS A 566 -7.55 -3.04 33.91
N LEU A 567 -7.69 -3.15 35.23
CA LEU A 567 -6.74 -2.58 36.22
C LEU A 567 -6.39 -3.69 37.21
N MET B 1 17.52 -18.96 18.62
N MET B 1 17.28 -19.30 18.62
CA MET B 1 16.94 -18.31 19.83
CA MET B 1 16.91 -18.25 19.59
C MET B 1 15.43 -18.20 19.75
C MET B 1 15.37 -18.23 19.71
N ASP B 2 14.83 -17.94 20.90
CA ASP B 2 13.41 -17.65 21.10
C ASP B 2 13.33 -16.15 20.87
N TYR B 3 12.36 -15.75 20.10
CA TYR B 3 12.16 -14.34 19.79
C TYR B 3 11.08 -13.74 20.62
N THR B 4 11.23 -12.42 20.83
CA THR B 4 10.21 -11.61 21.40
C THR B 4 9.83 -10.56 20.32
N VAL B 5 8.77 -9.85 20.59
CA VAL B 5 8.34 -8.72 19.72
C VAL B 5 9.52 -7.83 19.44
N GLY B 6 10.21 -7.42 20.51
CA GLY B 6 11.34 -6.55 20.43
C GLY B 6 12.53 -7.13 19.70
N THR B 7 12.90 -8.41 19.98
CA THR B 7 14.03 -8.98 19.30
C THR B 7 13.74 -9.38 17.87
N TYR B 8 12.47 -9.63 17.53
CA TYR B 8 12.04 -9.86 16.12
C TYR B 8 12.35 -8.56 15.34
N LEU B 9 11.86 -7.46 15.90
CA LEU B 9 12.15 -6.13 15.29
C LEU B 9 13.64 -5.92 15.15
N ALA B 10 14.37 -6.17 16.22
CA ALA B 10 15.81 -6.00 16.15
C ALA B 10 16.49 -6.75 15.02
N GLU B 11 16.13 -8.03 14.88
N GLU B 11 16.08 -8.00 14.87
CA GLU B 11 16.77 -8.90 13.86
CA GLU B 11 16.71 -8.89 13.89
C GLU B 11 16.35 -8.46 12.45
C GLU B 11 16.36 -8.39 12.47
N ARG B 12 15.09 -8.01 12.27
CA ARG B 12 14.71 -7.42 10.99
C ARG B 12 15.52 -6.19 10.66
N LEU B 13 15.77 -5.34 11.64
CA LEU B 13 16.58 -4.15 11.39
C LEU B 13 18.00 -4.55 10.99
N VAL B 14 18.56 -5.55 11.65
CA VAL B 14 19.93 -6.02 11.31
C VAL B 14 19.91 -6.63 9.91
N GLN B 15 18.84 -7.34 9.61
CA GLN B 15 18.74 -7.93 8.23
C GLN B 15 18.67 -6.96 7.10
N ILE B 16 18.15 -5.76 7.33
CA ILE B 16 18.09 -4.77 6.28
C ILE B 16 19.35 -3.92 6.22
N GLY B 17 20.28 -4.19 7.10
CA GLY B 17 21.61 -3.61 6.96
C GLY B 17 21.93 -2.59 8.00
N LEU B 18 21.06 -2.40 9.01
CA LEU B 18 21.37 -1.39 10.02
C LEU B 18 22.54 -1.88 10.91
N LYS B 19 23.50 -1.01 11.22
CA LYS B 19 24.47 -1.29 12.29
C LYS B 19 24.26 -0.42 13.51
N HIS B 20 23.25 0.44 13.43
CA HIS B 20 22.88 1.33 14.53
C HIS B 20 21.41 1.65 14.40
N HIS B 21 20.80 1.99 15.52
CA HIS B 21 19.50 2.69 15.50
C HIS B 21 19.54 3.79 16.51
N PHE B 22 18.60 4.74 16.36
CA PHE B 22 18.63 5.97 17.16
C PHE B 22 17.45 6.02 18.07
N ALA B 23 17.65 6.53 19.29
CA ALA B 23 16.58 6.46 20.33
C ALA B 23 16.57 7.60 21.24
N VAL B 24 15.36 7.93 21.73
CA VAL B 24 15.17 8.73 22.92
C VAL B 24 14.30 7.98 23.90
N ALA B 25 14.80 7.71 25.11
CA ALA B 25 14.03 6.93 26.02
C ALA B 25 12.84 7.63 26.62
N GLY B 26 11.82 6.82 26.97
CA GLY B 26 10.66 7.20 27.78
C GLY B 26 10.00 5.97 28.31
N ASP B 27 9.17 6.13 29.33
CA ASP B 27 8.68 4.95 30.05
C ASP B 27 7.94 3.96 29.14
N TYR B 28 7.25 4.46 28.10
CA TYR B 28 6.54 3.57 27.20
C TYR B 28 7.41 2.78 26.22
N ASN B 29 8.72 3.06 26.12
CA ASN B 29 9.62 2.31 25.25
C ASN B 29 10.83 1.62 25.94
N LEU B 30 10.93 1.75 27.26
CA LEU B 30 12.16 1.27 27.95
C LEU B 30 12.40 -0.24 27.77
N VAL B 31 11.33 -1.01 27.94
CA VAL B 31 11.42 -2.45 27.73
C VAL B 31 11.80 -2.76 26.28
N LEU B 32 11.13 -2.12 25.36
CA LEU B 32 11.50 -2.27 23.99
C LEU B 32 12.97 -1.93 23.71
N LEU B 33 13.47 -0.83 24.28
CA LEU B 33 14.87 -0.52 24.08
C LEU B 33 15.79 -1.65 24.65
N ASP B 34 15.45 -2.22 25.79
CA ASP B 34 16.21 -3.36 26.34
C ASP B 34 16.23 -4.50 25.37
N ASN B 35 15.10 -4.76 24.73
CA ASN B 35 15.04 -5.88 23.80
C ASN B 35 15.87 -5.58 22.57
N LEU B 36 15.81 -4.32 22.08
CA LEU B 36 16.70 -3.94 20.96
C LEU B 36 18.19 -4.07 21.29
N LEU B 37 18.53 -3.78 22.54
CA LEU B 37 19.96 -3.94 23.03
C LEU B 37 20.44 -5.41 23.08
N ASP B 38 19.53 -6.37 23.09
N ASP B 38 19.52 -6.36 23.13
CA ASP B 38 19.89 -7.79 23.14
CA ASP B 38 19.84 -7.79 23.17
C ASP B 38 20.65 -8.15 21.89
C ASP B 38 20.43 -8.31 21.86
N ASN B 39 20.31 -7.51 20.78
CA ASN B 39 20.96 -7.82 19.52
C ASN B 39 22.24 -7.02 19.39
N LYS B 40 23.37 -7.75 19.47
CA LYS B 40 24.68 -7.09 19.52
C LYS B 40 25.24 -6.85 18.12
N ASN B 41 24.46 -7.09 17.06
CA ASN B 41 24.92 -6.71 15.72
C ASN B 41 24.59 -5.24 15.31
N MET B 42 23.94 -4.51 16.20
CA MET B 42 23.81 -3.06 16.08
C MET B 42 23.94 -2.37 17.43
N GLU B 43 24.32 -1.10 17.37
CA GLU B 43 24.43 -0.28 18.52
C GLU B 43 23.22 0.72 18.63
N GLN B 44 22.82 1.03 19.85
CA GLN B 44 21.74 1.90 20.17
C GLN B 44 22.37 3.25 20.45
N VAL B 45 22.01 4.27 19.64
CA VAL B 45 22.60 5.60 19.70
C VAL B 45 21.55 6.57 20.22
N TYR B 46 21.88 7.31 21.27
CA TYR B 46 20.93 8.19 21.95
C TYR B 46 21.05 9.63 21.42
N CYS B 47 19.87 10.28 21.34
CA CYS B 47 19.74 11.63 20.78
C CYS B 47 19.16 12.57 21.80
N CYS B 48 19.42 13.87 21.59
N CYS B 48 19.34 13.85 21.53
CA CYS B 48 18.99 14.86 22.56
CA CYS B 48 19.00 14.83 22.49
C CYS B 48 17.48 15.05 22.58
C CYS B 48 17.52 15.22 22.54
N ASN B 49 16.82 15.12 21.40
CA ASN B 49 15.40 15.25 21.31
C ASN B 49 14.88 14.50 20.10
N GLU B 50 13.58 14.41 19.99
CA GLU B 50 13.02 13.44 19.04
C GLU B 50 13.01 13.95 17.62
N LEU B 51 12.90 15.27 17.41
CA LEU B 51 13.12 15.84 16.09
C LEU B 51 14.52 15.48 15.58
N ASN B 52 15.48 15.66 16.46
CA ASN B 52 16.85 15.43 16.10
C ASN B 52 17.11 13.90 15.89
N CYS B 53 16.41 13.08 16.69
CA CYS B 53 16.49 11.63 16.55
C CYS B 53 16.03 11.21 15.15
N GLY B 54 14.88 11.74 14.76
CA GLY B 54 14.39 11.48 13.44
C GLY B 54 15.28 11.90 12.31
N PHE B 55 15.82 13.11 12.41
CA PHE B 55 16.73 13.59 11.39
C PHE B 55 18.11 12.88 11.41
N SER B 56 18.51 12.36 12.58
CA SER B 56 19.69 11.51 12.67
C SER B 56 19.50 10.21 11.89
N ALA B 57 18.33 9.63 12.04
CA ALA B 57 18.01 8.48 11.23
C ALA B 57 17.96 8.76 9.74
N GLU B 58 17.37 9.89 9.39
CA GLU B 58 17.30 10.31 8.02
C GLU B 58 18.72 10.41 7.35
N GLY B 59 19.65 11.04 8.07
CA GLY B 59 21.01 11.15 7.56
C GLY B 59 21.74 9.78 7.54
N TYR B 60 21.45 8.93 8.50
CA TYR B 60 21.97 7.56 8.50
C TYR B 60 21.50 6.79 7.28
N ALA B 61 20.21 6.95 6.90
CA ALA B 61 19.67 6.33 5.73
C ALA B 61 20.31 6.80 4.42
N ARG B 62 20.77 8.07 4.39
CA ARG B 62 21.59 8.55 3.25
C ARG B 62 22.93 7.78 3.13
N ALA B 63 23.50 7.42 4.26
CA ALA B 63 24.82 6.72 4.28
C ALA B 63 24.59 5.25 4.03
N LYS B 64 23.54 4.65 4.60
CA LYS B 64 23.43 3.18 4.66
C LYS B 64 22.28 2.57 3.93
N GLY B 65 21.34 3.39 3.45
CA GLY B 65 20.17 2.92 2.70
C GLY B 65 18.86 2.82 3.50
N ALA B 66 18.94 2.70 4.82
CA ALA B 66 17.77 2.60 5.70
C ALA B 66 18.17 2.98 7.11
N ALA B 67 17.21 3.18 8.02
CA ALA B 67 17.50 3.60 9.41
C ALA B 67 16.30 3.39 10.26
N ALA B 68 16.47 3.56 11.55
CA ALA B 68 15.40 3.43 12.44
C ALA B 68 15.55 4.44 13.55
N ALA B 69 14.41 4.94 13.98
CA ALA B 69 14.36 5.80 15.15
C ALA B 69 13.31 5.30 16.15
N VAL B 70 13.65 5.26 17.44
CA VAL B 70 12.76 4.80 18.47
C VAL B 70 12.43 5.91 19.43
N VAL B 71 11.12 6.17 19.65
CA VAL B 71 10.65 7.25 20.50
C VAL B 71 9.55 6.85 21.41
N THR B 72 9.19 7.71 22.34
CA THR B 72 8.11 7.44 23.25
C THR B 72 6.76 7.99 22.75
N TYR B 73 5.69 7.44 23.28
CA TYR B 73 4.33 7.78 22.83
C TYR B 73 4.02 9.30 22.96
N SER B 74 3.49 9.86 21.87
CA SER B 74 2.86 11.14 21.84
C SER B 74 3.87 12.30 21.95
N VAL B 75 4.48 12.47 23.12
CA VAL B 75 5.52 13.47 23.33
C VAL B 75 6.78 13.23 22.54
N GLY B 76 7.10 11.97 22.29
CA GLY B 76 8.22 11.75 21.35
C GLY B 76 7.86 11.72 19.85
N ALA B 77 6.80 10.99 19.59
CA ALA B 77 6.47 10.73 18.23
C ALA B 77 6.01 12.00 17.48
N LEU B 78 5.28 12.87 18.14
CA LEU B 78 4.66 13.98 17.36
C LEU B 78 5.73 14.89 16.74
N SER B 79 6.78 15.20 17.47
N SER B 79 6.79 15.22 17.45
CA SER B 79 7.87 16.01 16.94
CA SER B 79 7.86 16.03 16.83
C SER B 79 8.65 15.19 15.91
C SER B 79 8.72 15.20 15.89
N ALA B 80 8.94 13.92 16.21
CA ALA B 80 9.61 13.03 15.20
C ALA B 80 8.86 12.96 13.87
N PHE B 81 7.53 13.10 13.89
CA PHE B 81 6.76 13.12 12.66
C PHE B 81 7.26 14.21 11.66
N ASP B 82 7.73 15.35 12.12
CA ASP B 82 8.32 16.37 11.19
C ASP B 82 9.53 15.71 10.43
N ALA B 83 10.41 15.02 11.14
CA ALA B 83 11.52 14.30 10.45
C ALA B 83 11.05 13.18 9.53
N ILE B 84 9.97 12.48 9.93
CA ILE B 84 9.46 11.43 9.13
C ILE B 84 8.80 11.92 7.88
N GLY B 85 8.03 13.01 7.98
CA GLY B 85 7.55 13.62 6.77
C GLY B 85 8.78 13.97 5.92
N GLY B 86 9.84 14.46 6.53
CA GLY B 86 11.07 14.78 5.81
C GLY B 86 11.65 13.58 5.08
N ALA B 87 11.66 12.44 5.76
CA ALA B 87 12.12 11.23 5.10
C ALA B 87 11.27 10.81 3.90
N TYR B 88 9.96 11.01 4.03
CA TYR B 88 9.01 10.74 2.94
C TYR B 88 9.29 11.62 1.75
N ALA B 89 9.46 12.91 2.03
CA ALA B 89 9.90 13.88 1.01
C ALA B 89 11.19 13.61 0.30
N GLU B 90 12.15 13.00 1.01
CA GLU B 90 13.45 12.75 0.50
C GLU B 90 13.68 11.31 0.08
N ASN B 91 12.62 10.53 0.05
CA ASN B 91 12.69 9.15 -0.39
C ASN B 91 13.62 8.21 0.37
N LEU B 92 13.53 8.27 1.68
CA LEU B 92 14.41 7.51 2.52
C LEU B 92 13.63 6.55 3.45
N PRO B 93 14.01 5.27 3.43
CA PRO B 93 13.33 4.30 4.29
C PRO B 93 13.78 4.36 5.74
N VAL B 94 13.18 5.26 6.47
CA VAL B 94 13.32 5.39 7.88
C VAL B 94 12.16 4.70 8.61
N ILE B 95 12.45 3.80 9.53
N ILE B 95 12.47 3.88 9.60
CA ILE B 95 11.39 3.14 10.30
CA ILE B 95 11.45 3.16 10.39
C ILE B 95 11.29 3.90 11.61
C ILE B 95 11.23 3.81 11.75
N LEU B 96 10.11 4.50 11.91
CA LEU B 96 9.84 5.15 13.14
C LEU B 96 9.09 4.14 14.01
N ILE B 97 9.65 3.86 15.23
CA ILE B 97 9.03 2.96 16.18
C ILE B 97 8.71 3.69 17.44
N SER B 98 7.44 3.76 17.78
CA SER B 98 7.02 4.43 19.01
C SER B 98 6.61 3.42 20.05
N GLY B 99 6.95 3.71 21.31
CA GLY B 99 6.29 3.03 22.42
C GLY B 99 4.83 3.49 22.50
N ALA B 100 3.99 2.72 23.16
CA ALA B 100 2.57 2.98 23.23
C ALA B 100 2.03 2.45 24.54
N PRO B 101 0.79 2.85 24.86
CA PRO B 101 0.18 2.41 26.11
C PRO B 101 0.14 0.88 26.33
N ASN B 102 0.09 0.54 27.59
CA ASN B 102 -0.22 -0.81 28.04
C ASN B 102 -1.47 -1.28 27.32
N ASN B 103 -1.47 -2.49 26.78
CA ASN B 103 -2.61 -2.95 25.95
C ASN B 103 -3.90 -3.13 26.74
N ASN B 104 -3.81 -3.19 28.08
CA ASN B 104 -4.97 -3.19 28.90
C ASN B 104 -5.71 -1.84 28.94
N ASP B 105 -5.07 -0.73 28.52
CA ASP B 105 -5.70 0.59 28.68
C ASP B 105 -6.50 0.99 27.47
N HIS B 106 -6.57 0.17 26.44
CA HIS B 106 -7.47 0.47 25.29
C HIS B 106 -8.94 0.12 25.66
N ALA B 107 -9.87 0.99 25.26
CA ALA B 107 -11.31 0.78 25.41
C ALA B 107 -11.63 0.52 26.82
N ALA B 108 -10.95 1.24 27.72
CA ALA B 108 -11.07 1.09 29.16
C ALA B 108 -11.45 2.35 29.95
N ALA B 109 -11.68 3.47 29.27
CA ALA B 109 -11.94 4.78 29.87
C ALA B 109 -10.79 5.19 30.81
N HIS B 110 -9.55 4.94 30.41
CA HIS B 110 -8.41 5.33 31.26
C HIS B 110 -7.70 6.50 30.64
N VAL B 111 -7.50 7.55 31.42
CA VAL B 111 -6.66 8.66 30.98
C VAL B 111 -5.21 8.34 31.37
N LEU B 112 -4.32 8.50 30.39
CA LEU B 112 -2.89 8.26 30.53
C LEU B 112 -2.03 9.47 30.32
N HIS B 113 -0.91 9.47 31.03
CA HIS B 113 0.15 10.43 30.76
C HIS B 113 0.71 10.37 29.35
N HIS B 114 1.29 11.49 28.97
CA HIS B 114 1.69 11.81 27.62
C HIS B 114 0.58 11.86 26.59
N ALA B 115 -0.64 11.73 26.95
CA ALA B 115 -1.69 11.76 25.96
C ALA B 115 -2.57 12.95 26.17
N LEU B 116 -3.58 13.08 25.33
CA LEU B 116 -4.38 14.29 25.25
C LEU B 116 -5.30 14.54 26.39
N GLY B 117 -5.53 13.55 27.27
CA GLY B 117 -6.36 13.73 28.45
C GLY B 117 -7.70 13.10 28.18
N LYS B 118 -7.86 12.54 27.00
CA LYS B 118 -8.98 11.75 26.66
C LYS B 118 -8.48 10.31 26.88
N THR B 119 -9.34 9.43 26.42
CA THR B 119 -9.17 8.01 26.70
C THR B 119 -9.03 7.19 25.42
N ASP B 120 -8.80 7.88 24.28
CA ASP B 120 -8.63 7.35 22.92
C ASP B 120 -7.11 7.44 22.58
N TYR B 121 -6.56 6.32 22.19
CA TYR B 121 -5.09 6.26 21.92
C TYR B 121 -4.86 5.84 20.46
N HIS B 122 -5.79 6.16 19.57
N HIS B 122 -5.78 6.19 19.57
CA HIS B 122 -5.61 5.91 18.13
CA HIS B 122 -5.60 5.89 18.12
C HIS B 122 -5.02 7.13 17.38
C HIS B 122 -5.07 7.14 17.36
N TYR B 123 -5.02 8.31 17.99
CA TYR B 123 -4.76 9.56 17.26
C TYR B 123 -3.37 9.54 16.66
N GLN B 124 -2.42 8.96 17.39
CA GLN B 124 -1.03 8.97 16.85
C GLN B 124 -0.86 8.20 15.59
N LEU B 125 -1.41 6.99 15.59
CA LEU B 125 -1.47 6.18 14.43
C LEU B 125 -2.19 6.88 13.26
N GLU B 126 -3.32 7.52 13.51
N GLU B 126 -3.34 7.49 13.50
CA GLU B 126 -4.04 8.21 12.42
CA GLU B 126 -4.06 8.16 12.40
C GLU B 126 -3.17 9.29 11.83
C GLU B 126 -3.22 9.33 11.84
N MET B 127 -2.54 10.05 12.71
CA MET B 127 -1.59 11.13 12.30
C MET B 127 -0.46 10.60 11.42
N ALA B 128 0.07 9.45 11.84
CA ALA B 128 1.23 8.86 11.14
C ALA B 128 0.89 8.42 9.74
N LYS B 129 -0.37 7.95 9.54
CA LYS B 129 -0.78 7.50 8.22
C LYS B 129 -0.63 8.52 7.13
N ASN B 130 -0.68 9.79 7.52
CA ASN B 130 -0.63 10.90 6.58
C ASN B 130 0.75 11.12 6.02
N ILE B 131 1.78 10.54 6.65
CA ILE B 131 3.17 10.89 6.29
C ILE B 131 4.06 9.68 6.14
N THR B 132 3.46 8.48 6.03
CA THR B 132 4.20 7.26 5.88
C THR B 132 3.62 6.43 4.72
N ALA B 133 4.40 5.43 4.27
CA ALA B 133 3.96 4.45 3.26
C ALA B 133 3.18 3.28 3.85
N ALA B 134 3.44 3.05 5.13
CA ALA B 134 2.73 2.04 5.92
C ALA B 134 2.82 2.43 7.38
N ALA B 135 1.80 2.07 8.16
CA ALA B 135 1.71 2.41 9.56
C ALA B 135 0.93 1.36 10.31
N GLU B 136 1.51 0.71 11.34
CA GLU B 136 0.86 -0.39 12.02
C GLU B 136 1.00 -0.22 13.48
N ALA B 137 -0.05 -0.54 14.19
CA ALA B 137 -0.01 -0.60 15.65
C ALA B 137 0.00 -2.07 16.08
N ILE B 138 0.91 -2.38 16.97
CA ILE B 138 1.01 -3.74 17.53
C ILE B 138 0.51 -3.70 18.97
N TYR B 139 -0.61 -4.39 19.19
CA TYR B 139 -1.21 -4.46 20.48
C TYR B 139 -1.01 -5.85 21.20
N THR B 140 -0.72 -6.87 20.42
CA THR B 140 -0.57 -8.24 20.93
C THR B 140 0.68 -8.79 20.28
N PRO B 141 1.34 -9.73 20.95
CA PRO B 141 2.55 -10.29 20.34
C PRO B 141 2.34 -11.13 19.09
N GLU B 142 1.22 -11.80 19.03
CA GLU B 142 0.99 -12.68 17.88
C GLU B 142 0.84 -11.89 16.60
N GLU B 143 0.44 -10.62 16.67
N GLU B 143 0.44 -10.62 16.70
CA GLU B 143 0.30 -9.84 15.44
CA GLU B 143 0.30 -9.79 15.50
C GLU B 143 1.61 -9.13 15.04
C GLU B 143 1.61 -9.13 15.06
N ALA B 144 2.64 -9.21 15.87
CA ALA B 144 3.88 -8.43 15.60
C ALA B 144 4.64 -8.86 14.38
N PRO B 145 4.87 -10.16 14.21
CA PRO B 145 5.66 -10.58 13.05
C PRO B 145 5.10 -10.09 11.70
N ALA B 146 3.80 -10.17 11.50
CA ALA B 146 3.26 -9.78 10.23
C ALA B 146 3.32 -8.26 10.07
N LYS B 147 3.00 -7.53 11.14
N LYS B 147 3.02 -7.53 11.13
CA LYS B 147 3.02 -6.07 11.11
CA LYS B 147 3.05 -6.07 11.03
C LYS B 147 4.43 -5.56 10.86
C LYS B 147 4.46 -5.55 10.83
N ILE B 148 5.43 -6.19 11.48
CA ILE B 148 6.77 -5.77 11.32
C ILE B 148 7.27 -6.04 9.93
N ASP B 149 7.04 -7.24 9.44
CA ASP B 149 7.51 -7.56 8.13
C ASP B 149 6.83 -6.65 7.06
N HIS B 150 5.54 -6.34 7.26
CA HIS B 150 4.85 -5.52 6.30
C HIS B 150 5.39 -4.12 6.18
N VAL B 151 5.69 -3.47 7.32
CA VAL B 151 6.25 -2.12 7.24
C VAL B 151 7.66 -2.12 6.68
N ILE B 152 8.47 -3.13 7.06
CA ILE B 152 9.82 -3.17 6.51
C ILE B 152 9.86 -3.39 5.04
N LYS B 153 9.13 -4.35 4.54
CA LYS B 153 9.13 -4.58 3.10
C LYS B 153 8.63 -3.34 2.34
N THR B 154 7.59 -2.72 2.90
CA THR B 154 7.03 -1.54 2.29
C THR B 154 8.07 -0.40 2.19
N ALA B 155 8.74 -0.13 3.29
CA ALA B 155 9.79 0.87 3.33
C ALA B 155 10.84 0.65 2.27
N LEU B 156 11.31 -0.57 2.16
CA LEU B 156 12.34 -0.89 1.17
C LEU B 156 11.84 -0.81 -0.23
N ARG B 157 10.64 -1.30 -0.47
N ARG B 157 10.63 -1.27 -0.48
CA ARG B 157 10.04 -1.28 -1.81
CA ARG B 157 10.09 -1.31 -1.84
C ARG B 157 9.87 0.18 -2.30
C ARG B 157 9.75 0.09 -2.36
N GLU B 158 9.16 0.96 -1.47
N GLU B 158 9.25 0.94 -1.46
CA GLU B 158 8.72 2.30 -1.86
CA GLU B 158 8.78 2.25 -1.88
C GLU B 158 9.79 3.36 -1.67
C GLU B 158 9.79 3.35 -1.68
N LYS B 159 10.83 3.05 -0.92
CA LYS B 159 11.85 4.07 -0.54
C LYS B 159 11.18 5.23 0.23
N LYS B 160 10.38 4.85 1.23
CA LYS B 160 9.67 5.81 2.04
C LYS B 160 9.68 5.33 3.49
N PRO B 161 9.44 6.22 4.39
CA PRO B 161 9.37 5.83 5.79
C PRO B 161 8.08 5.15 6.19
N VAL B 162 8.15 4.48 7.34
CA VAL B 162 7.02 3.74 7.88
C VAL B 162 6.94 3.92 9.38
N TYR B 163 5.81 3.53 9.94
CA TYR B 163 5.49 3.74 11.34
C TYR B 163 5.09 2.41 11.97
N LEU B 164 5.65 2.15 13.18
CA LEU B 164 5.18 1.12 14.04
C LEU B 164 4.97 1.65 15.43
N GLU B 165 3.94 1.23 16.15
CA GLU B 165 3.89 1.46 17.60
C GLU B 165 3.71 0.10 18.31
N ILE B 166 4.29 -0.05 19.47
CA ILE B 166 4.30 -1.33 20.22
C ILE B 166 3.90 -1.03 21.67
N ALA B 167 2.82 -1.66 22.10
CA ALA B 167 2.35 -1.54 23.45
C ALA B 167 3.47 -1.86 24.45
N CYS B 168 3.57 -1.05 25.51
CA CYS B 168 4.74 -1.08 26.38
C CYS B 168 4.82 -2.40 27.19
N ASN B 169 3.75 -3.16 27.30
CA ASN B 169 3.71 -4.40 28.06
C ASN B 169 3.86 -5.66 27.23
N ILE B 170 4.21 -5.52 25.96
CA ILE B 170 4.33 -6.68 25.14
C ILE B 170 5.65 -6.82 24.48
N ALA B 171 6.57 -5.86 24.68
CA ALA B 171 7.85 -5.88 23.95
C ALA B 171 8.70 -7.11 24.23
N SER B 172 8.60 -7.65 25.44
N SER B 172 8.53 -7.74 25.39
CA SER B 172 9.42 -8.85 25.87
CA SER B 172 9.29 -8.98 25.73
C SER B 172 8.69 -10.14 25.62
C SER B 172 8.36 -10.18 25.75
N MET B 173 7.46 -10.06 25.14
N MET B 173 7.27 -10.11 25.02
CA MET B 173 6.60 -11.28 24.90
CA MET B 173 6.39 -11.29 24.88
C MET B 173 7.03 -12.11 23.70
C MET B 173 6.89 -12.11 23.69
N PRO B 174 6.92 -13.45 23.82
CA PRO B 174 7.31 -14.35 22.74
C PRO B 174 6.47 -14.19 21.48
N CYS B 175 7.12 -14.40 20.36
CA CYS B 175 6.47 -14.54 19.08
C CYS B 175 7.23 -15.45 18.17
N ALA B 176 6.75 -15.70 16.96
CA ALA B 176 7.43 -16.43 15.98
C ALA B 176 8.75 -15.81 15.65
N ALA B 177 9.67 -16.63 15.15
CA ALA B 177 10.96 -16.15 14.65
C ALA B 177 10.85 -15.58 13.24
N PRO B 178 11.70 -14.60 12.90
CA PRO B 178 11.78 -14.11 11.55
C PRO B 178 12.46 -15.08 10.58
N GLY B 179 11.97 -15.23 9.34
CA GLY B 179 12.69 -16.01 8.28
C GLY B 179 13.88 -15.29 7.67
N PRO B 180 14.36 -15.75 6.49
CA PRO B 180 15.51 -15.23 5.82
C PRO B 180 15.44 -13.77 5.43
N ALA B 181 16.56 -13.08 5.51
CA ALA B 181 16.62 -11.69 5.09
C ALA B 181 16.18 -11.48 3.65
N SER B 182 16.49 -12.44 2.78
CA SER B 182 16.26 -12.34 1.35
C SER B 182 14.79 -11.94 1.04
N ALA B 183 13.88 -12.42 1.88
CA ALA B 183 12.47 -12.13 1.71
C ALA B 183 12.17 -10.66 1.77
N LEU B 184 12.97 -9.91 2.52
CA LEU B 184 12.70 -8.49 2.74
C LEU B 184 13.06 -7.61 1.53
N PHE B 185 14.00 -8.11 0.73
N PHE B 185 13.90 -8.10 0.64
CA PHE B 185 14.40 -7.57 -0.57
CA PHE B 185 14.34 -7.35 -0.55
C PHE B 185 13.88 -8.48 -1.72
C PHE B 185 13.55 -7.64 -1.89
N ASN B 186 12.56 -8.50 -1.82
CA ASN B 186 11.98 -9.25 -2.91
C ASN B 186 11.19 -8.43 -4.01
N ASP B 187 11.72 -7.35 -4.49
CA ASP B 187 10.87 -6.50 -5.32
C ASP B 187 10.45 -7.20 -6.64
N GLU B 188 9.31 -6.79 -7.18
CA GLU B 188 8.98 -7.23 -8.54
C GLU B 188 10.06 -6.88 -9.56
N ALA B 189 10.15 -7.70 -10.59
CA ALA B 189 11.02 -7.43 -11.74
C ALA B 189 10.25 -6.49 -12.68
N SER B 190 10.96 -5.83 -13.58
CA SER B 190 10.27 -5.13 -14.68
C SER B 190 9.43 -6.10 -15.48
N ASP B 191 8.27 -5.62 -15.98
CA ASP B 191 7.48 -6.41 -16.95
C ASP B 191 8.26 -6.39 -18.26
N GLU B 192 8.64 -7.57 -18.73
CA GLU B 192 9.59 -7.64 -19.85
C GLU B 192 9.07 -6.97 -21.12
N ALA B 193 7.80 -7.26 -21.47
CA ALA B 193 7.19 -6.64 -22.68
C ALA B 193 7.18 -5.10 -22.58
N SER B 194 6.87 -4.59 -21.37
CA SER B 194 6.85 -3.14 -21.17
C SER B 194 8.24 -2.50 -21.27
N LEU B 195 9.23 -3.14 -20.63
CA LEU B 195 10.60 -2.71 -20.70
C LEU B 195 11.03 -2.58 -22.15
N ASN B 196 10.83 -3.66 -22.88
CA ASN B 196 11.26 -3.67 -24.31
C ASN B 196 10.56 -2.65 -25.14
N ALA B 197 9.27 -2.45 -24.89
CA ALA B 197 8.49 -1.51 -25.66
C ALA B 197 8.88 -0.10 -25.29
N ALA B 198 9.09 0.16 -24.00
CA ALA B 198 9.50 1.50 -23.63
C ALA B 198 10.86 1.89 -24.24
N VAL B 199 11.81 0.95 -24.26
CA VAL B 199 13.10 1.21 -24.90
C VAL B 199 12.87 1.41 -26.41
N GLU B 200 12.08 0.52 -27.00
CA GLU B 200 11.84 0.63 -28.48
C GLU B 200 11.23 1.99 -28.82
N GLU B 201 10.26 2.49 -28.04
CA GLU B 201 9.65 3.80 -28.27
C GLU B 201 10.60 4.92 -28.07
N THR B 202 11.52 4.76 -27.14
CA THR B 202 12.51 5.77 -26.93
C THR B 202 13.43 5.83 -28.17
N LEU B 203 13.75 4.67 -28.71
CA LEU B 203 14.67 4.62 -29.91
C LEU B 203 13.95 5.22 -31.11
N LYS B 204 12.66 4.97 -31.25
CA LYS B 204 11.87 5.68 -32.27
C LYS B 204 11.88 7.16 -32.12
N PHE B 205 11.63 7.63 -30.91
CA PHE B 205 11.54 9.04 -30.67
C PHE B 205 12.82 9.77 -31.05
N ILE B 206 13.95 9.16 -30.78
CA ILE B 206 15.24 9.85 -31.01
C ILE B 206 15.98 9.48 -32.34
N GLU B 207 15.37 8.58 -33.10
CA GLU B 207 15.81 8.19 -34.49
C GLU B 207 16.29 9.44 -35.28
N ASN B 208 15.43 10.42 -35.45
CA ASN B 208 15.78 11.66 -36.16
C ASN B 208 15.73 12.85 -35.19
N ARG B 209 16.32 12.67 -34.01
CA ARG B 209 16.47 13.75 -33.05
C ARG B 209 17.84 13.54 -32.48
N ASP B 210 18.81 14.14 -33.12
CA ASP B 210 20.20 13.92 -32.80
C ASP B 210 20.61 14.73 -31.55
N LYS B 211 19.94 15.86 -31.27
CA LYS B 211 20.35 16.72 -30.14
C LYS B 211 19.61 16.30 -28.81
N VAL B 212 20.18 15.27 -28.23
CA VAL B 212 19.60 14.53 -27.05
C VAL B 212 20.34 14.99 -25.78
N ALA B 213 19.57 15.60 -24.87
CA ALA B 213 20.10 15.98 -23.55
C ALA B 213 19.50 15.00 -22.45
N VAL B 214 20.28 14.73 -21.41
CA VAL B 214 19.90 13.81 -20.30
C VAL B 214 19.85 14.68 -19.07
N LEU B 215 18.70 14.66 -18.33
CA LEU B 215 18.49 15.51 -17.19
C LEU B 215 18.45 14.56 -15.99
N VAL B 216 19.44 14.60 -15.13
CA VAL B 216 19.54 13.69 -14.02
C VAL B 216 18.79 14.27 -12.81
N GLY B 217 17.86 13.45 -12.28
CA GLY B 217 16.89 13.91 -11.29
C GLY B 217 17.16 13.35 -9.86
N SER B 218 16.48 13.93 -8.89
CA SER B 218 16.78 13.68 -7.48
C SER B 218 16.21 12.37 -6.91
N LYS B 219 15.49 11.60 -7.72
N LYS B 219 15.46 11.62 -7.72
CA LYS B 219 15.09 10.26 -7.33
CA LYS B 219 15.04 10.27 -7.37
C LYS B 219 16.01 9.16 -7.85
C LYS B 219 15.89 9.17 -8.06
N LEU B 220 17.07 9.54 -8.57
CA LEU B 220 17.96 8.54 -9.21
C LEU B 220 18.56 7.57 -8.24
N ARG B 221 18.98 8.02 -7.05
CA ARG B 221 19.48 7.08 -6.08
C ARG B 221 18.38 6.20 -5.44
N ALA B 222 17.15 6.74 -5.28
CA ALA B 222 16.03 5.96 -4.79
C ALA B 222 15.74 4.82 -5.73
N ALA B 223 15.96 5.05 -7.02
CA ALA B 223 15.79 4.02 -8.03
C ALA B 223 16.97 3.07 -8.18
N ALA B 224 18.01 3.27 -7.40
CA ALA B 224 19.28 2.51 -7.48
C ALA B 224 19.84 2.50 -8.91
N ALA B 225 19.73 3.63 -9.58
CA ALA B 225 19.97 3.72 -11.02
C ALA B 225 21.19 4.58 -11.38
N GLU B 226 22.04 4.88 -10.39
CA GLU B 226 23.17 5.81 -10.65
C GLU B 226 24.17 5.17 -11.62
N GLU B 227 24.53 3.93 -11.38
CA GLU B 227 25.49 3.21 -12.25
C GLU B 227 24.91 2.98 -13.63
N ALA B 228 23.66 2.57 -13.65
CA ALA B 228 23.01 2.47 -14.97
C ALA B 228 22.96 3.76 -15.77
N ALA B 229 22.83 4.91 -15.11
CA ALA B 229 22.77 6.16 -15.83
C ALA B 229 24.13 6.47 -16.51
N VAL B 230 25.21 6.10 -15.85
CA VAL B 230 26.53 6.27 -16.40
C VAL B 230 26.65 5.40 -17.65
N LYS B 231 26.19 4.16 -17.60
CA LYS B 231 26.28 3.30 -18.81
C LYS B 231 25.51 3.89 -19.98
N PHE B 232 24.28 4.32 -19.74
CA PHE B 232 23.50 4.95 -20.76
C PHE B 232 24.16 6.21 -21.34
N ALA B 233 24.59 7.11 -20.47
CA ALA B 233 25.23 8.34 -20.87
C ALA B 233 26.49 8.04 -21.74
N ASP B 234 27.26 7.05 -21.33
CA ASP B 234 28.48 6.65 -22.06
C ASP B 234 28.09 6.13 -23.46
N ALA B 235 27.01 5.36 -23.57
CA ALA B 235 26.51 4.89 -24.90
C ALA B 235 25.92 5.94 -25.79
N LEU B 236 25.12 6.80 -25.21
CA LEU B 236 24.43 7.82 -25.95
C LEU B 236 25.37 8.88 -26.51
N GLY B 237 26.35 9.27 -25.69
CA GLY B 237 27.24 10.36 -26.00
C GLY B 237 26.64 11.71 -26.06
N GLY B 238 25.46 11.91 -25.46
CA GLY B 238 24.82 13.24 -25.43
C GLY B 238 25.21 14.04 -24.18
N ALA B 239 24.61 15.20 -24.03
CA ALA B 239 24.89 16.11 -22.96
C ALA B 239 24.13 15.65 -21.71
N VAL B 240 24.80 15.58 -20.55
CA VAL B 240 24.16 15.26 -19.26
C VAL B 240 24.24 16.42 -18.29
N ALA B 241 23.10 16.90 -17.78
CA ALA B 241 23.07 17.87 -16.71
C ALA B 241 22.30 17.29 -15.49
N THR B 242 22.63 17.77 -14.29
CA THR B 242 21.93 17.40 -13.06
C THR B 242 21.00 18.51 -12.65
N MET B 243 19.79 18.13 -12.21
CA MET B 243 18.94 19.03 -11.45
C MET B 243 19.62 19.36 -10.16
N ALA B 244 19.21 20.50 -9.55
CA ALA B 244 19.90 20.98 -8.34
C ALA B 244 19.99 19.95 -7.26
N ALA B 245 18.86 19.26 -7.01
CA ALA B 245 18.80 18.35 -5.87
C ALA B 245 19.51 16.99 -6.18
N ALA B 246 19.98 16.83 -7.40
CA ALA B 246 20.62 15.58 -7.90
C ALA B 246 22.16 15.74 -7.97
N LYS B 247 22.67 16.77 -7.31
CA LYS B 247 24.13 17.03 -7.29
C LYS B 247 24.78 15.80 -6.64
N SER B 248 25.78 15.28 -7.37
CA SER B 248 26.54 14.08 -7.02
C SER B 248 25.91 12.79 -7.44
N PHE B 249 24.75 12.83 -8.11
CA PHE B 249 24.14 11.58 -8.59
C PHE B 249 24.65 11.18 -9.98
N PHE B 250 25.61 11.93 -10.51
CA PHE B 250 26.26 11.65 -11.80
C PHE B 250 27.74 12.13 -11.63
N PRO B 251 28.72 11.31 -12.05
CA PRO B 251 30.17 11.66 -11.90
C PRO B 251 30.52 12.91 -12.73
N GLU B 252 31.03 13.92 -12.05
CA GLU B 252 31.20 15.20 -12.70
C GLU B 252 32.47 15.25 -13.58
N GLU B 253 33.35 14.26 -13.40
CA GLU B 253 34.53 14.16 -14.32
C GLU B 253 34.20 13.43 -15.62
N ASN B 254 33.00 12.87 -15.75
CA ASN B 254 32.60 12.31 -17.04
C ASN B 254 32.53 13.40 -18.09
N PRO B 255 33.10 13.14 -19.29
CA PRO B 255 33.11 14.17 -20.33
C PRO B 255 31.80 14.54 -20.87
N HIS B 256 30.78 13.72 -20.62
CA HIS B 256 29.44 14.12 -21.06
C HIS B 256 28.70 15.08 -20.09
N TYR B 257 29.24 15.31 -18.89
CA TYR B 257 28.57 16.10 -17.89
C TYR B 257 28.83 17.51 -18.16
N ILE B 258 27.78 18.32 -18.30
CA ILE B 258 27.89 19.76 -18.55
C ILE B 258 27.56 20.67 -17.38
N GLY B 259 27.12 20.09 -16.23
CA GLY B 259 26.85 20.87 -15.04
C GLY B 259 25.40 20.88 -14.60
N THR B 260 25.03 21.93 -13.88
CA THR B 260 23.73 22.06 -13.26
C THR B 260 22.73 22.68 -14.23
N SER B 261 21.55 22.03 -14.35
CA SER B 261 20.40 22.65 -14.94
C SER B 261 19.43 23.15 -13.92
N TRP B 262 19.25 24.44 -13.86
CA TRP B 262 18.38 25.05 -12.86
C TRP B 262 17.94 26.43 -13.32
N GLY B 263 17.34 26.48 -14.49
CA GLY B 263 16.77 27.69 -15.01
C GLY B 263 17.81 28.80 -15.21
N GLU B 264 17.47 29.99 -14.77
CA GLU B 264 18.40 31.13 -14.90
C GLU B 264 19.67 30.97 -14.08
N VAL B 265 19.70 30.06 -13.10
CA VAL B 265 20.90 29.81 -12.33
C VAL B 265 21.61 28.53 -12.70
N SER B 266 21.42 28.04 -13.95
CA SER B 266 22.15 26.96 -14.52
C SER B 266 23.63 27.32 -14.72
N TYR B 267 24.48 26.33 -14.81
CA TYR B 267 25.87 26.53 -15.21
C TYR B 267 25.91 27.11 -16.65
N PRO B 268 26.98 27.86 -16.96
CA PRO B 268 26.95 28.54 -18.28
C PRO B 268 26.83 27.59 -19.46
N GLY B 269 26.00 27.97 -20.42
CA GLY B 269 25.74 27.14 -21.62
C GLY B 269 24.63 26.10 -21.45
N VAL B 270 24.27 25.77 -20.19
CA VAL B 270 23.34 24.67 -19.99
C VAL B 270 21.94 25.04 -20.37
N GLU B 271 21.50 26.23 -19.98
CA GLU B 271 20.13 26.67 -20.26
C GLU B 271 19.93 26.69 -21.78
N LYS B 272 20.97 27.12 -22.51
CA LYS B 272 20.90 27.16 -23.96
C LYS B 272 20.88 25.81 -24.56
N THR B 273 21.73 24.93 -24.06
CA THR B 273 21.76 23.59 -24.57
C THR B 273 20.41 22.85 -24.40
N MET B 274 19.76 23.06 -23.27
CA MET B 274 18.44 22.45 -22.97
C MET B 274 17.38 23.02 -23.88
N LYS B 275 17.36 24.33 -24.07
CA LYS B 275 16.46 24.94 -25.06
C LYS B 275 16.72 24.45 -26.50
N GLU B 276 17.96 24.21 -26.90
CA GLU B 276 18.27 23.72 -28.25
C GLU B 276 18.04 22.22 -28.42
N ALA B 277 17.96 21.46 -27.33
CA ALA B 277 17.91 20.00 -27.53
C ALA B 277 16.63 19.61 -28.28
N ASP B 278 16.65 18.54 -29.07
CA ASP B 278 15.40 18.03 -29.70
C ASP B 278 14.66 16.96 -28.81
N ALA B 279 15.41 16.33 -27.90
CA ALA B 279 14.85 15.36 -26.95
C ALA B 279 15.55 15.62 -25.59
N VAL B 280 14.80 15.56 -24.49
CA VAL B 280 15.36 15.60 -23.15
C VAL B 280 14.90 14.30 -22.46
N ILE B 281 15.84 13.47 -22.05
CA ILE B 281 15.55 12.24 -21.35
C ILE B 281 15.78 12.53 -19.87
N ALA B 282 14.66 12.63 -19.10
CA ALA B 282 14.75 13.02 -17.70
C ALA B 282 14.66 11.77 -16.86
N LEU B 283 15.68 11.59 -15.99
CA LEU B 283 15.88 10.40 -15.23
C LEU B 283 15.51 10.68 -13.80
N ALA B 284 14.39 10.11 -13.41
CA ALA B 284 13.81 10.32 -12.08
C ALA B 284 13.74 11.76 -11.52
N PRO B 285 13.13 12.64 -12.24
CA PRO B 285 13.09 13.98 -11.81
C PRO B 285 11.98 14.29 -10.81
N VAL B 286 12.21 15.32 -10.00
CA VAL B 286 11.11 15.96 -9.28
C VAL B 286 10.98 17.43 -9.71
N PHE B 287 9.87 17.76 -10.38
CA PHE B 287 9.66 19.11 -10.87
C PHE B 287 8.78 19.82 -9.87
N ASN B 288 9.38 20.70 -9.07
CA ASN B 288 8.63 21.41 -8.10
C ASN B 288 8.83 22.92 -8.21
N ASP B 289 8.21 23.71 -7.32
CA ASP B 289 8.33 25.19 -7.40
C ASP B 289 9.80 25.66 -7.26
N TYR B 290 10.60 24.94 -6.51
CA TYR B 290 12.02 25.30 -6.30
C TYR B 290 12.87 24.82 -7.43
N SER B 291 12.63 23.59 -7.90
CA SER B 291 13.50 22.97 -8.88
C SER B 291 13.28 23.52 -10.27
N THR B 292 12.11 24.10 -10.48
CA THR B 292 11.77 24.80 -11.73
C THR B 292 12.03 26.34 -11.62
N THR B 293 12.66 26.81 -10.56
CA THR B 293 12.93 28.26 -10.33
C THR B 293 11.66 29.11 -10.38
N GLY B 294 10.75 28.73 -9.50
CA GLY B 294 9.47 29.39 -9.44
C GLY B 294 8.62 29.22 -10.66
N TRP B 295 8.70 28.03 -11.28
CA TRP B 295 7.89 27.58 -12.41
C TRP B 295 8.32 28.29 -13.72
N THR B 296 9.50 28.88 -13.72
CA THR B 296 9.97 29.64 -14.92
C THR B 296 10.68 28.70 -15.86
N ASP B 297 11.15 27.55 -15.38
CA ASP B 297 11.93 26.58 -16.13
C ASP B 297 11.28 25.17 -16.02
N ILE B 298 10.40 24.88 -16.97
CA ILE B 298 9.64 23.62 -17.06
C ILE B 298 10.00 22.93 -18.37
N PRO B 299 10.24 21.61 -18.38
CA PRO B 299 10.58 20.97 -19.64
C PRO B 299 9.50 21.05 -20.72
N ASP B 300 9.97 21.15 -21.96
CA ASP B 300 9.12 21.23 -23.12
C ASP B 300 8.39 19.87 -23.23
N PRO B 301 7.05 19.83 -23.10
CA PRO B 301 6.36 18.50 -23.14
C PRO B 301 6.55 17.77 -24.45
N LYS B 302 6.84 18.47 -25.54
CA LYS B 302 7.06 17.81 -26.84
C LYS B 302 8.37 17.16 -27.00
N LYS B 303 9.33 17.50 -26.14
CA LYS B 303 10.64 16.86 -26.20
C LYS B 303 10.94 15.84 -25.08
N LEU B 304 10.04 15.68 -24.14
CA LEU B 304 10.36 15.01 -22.87
C LEU B 304 10.12 13.50 -22.94
N VAL B 305 11.12 12.74 -22.55
CA VAL B 305 11.00 11.31 -22.29
C VAL B 305 11.11 11.21 -20.80
N LEU B 306 10.03 10.81 -20.12
CA LEU B 306 10.03 10.91 -18.59
C LEU B 306 10.22 9.51 -18.02
N ALA B 307 11.44 9.21 -17.54
CA ALA B 307 11.76 7.91 -17.03
C ALA B 307 11.85 8.05 -15.51
N GLU B 308 10.74 7.68 -14.85
CA GLU B 308 10.64 7.69 -13.40
C GLU B 308 11.14 6.38 -12.84
N PRO B 309 11.25 6.25 -11.48
CA PRO B 309 11.77 5.01 -11.00
C PRO B 309 11.05 3.76 -11.41
N ARG B 310 9.71 3.82 -11.53
CA ARG B 310 8.94 2.66 -11.83
C ARG B 310 8.10 2.72 -13.12
N SER B 311 8.28 3.75 -13.91
CA SER B 311 7.50 3.87 -15.12
C SER B 311 8.21 4.76 -16.10
N VAL B 312 7.83 4.64 -17.37
CA VAL B 312 8.35 5.54 -18.39
C VAL B 312 7.19 6.08 -19.20
N VAL B 313 7.17 7.38 -19.44
CA VAL B 313 6.22 7.94 -20.36
C VAL B 313 7.01 8.44 -21.55
N VAL B 314 6.73 7.90 -22.70
CA VAL B 314 7.50 8.15 -23.93
C VAL B 314 6.62 8.08 -25.15
N ASN B 315 6.72 9.09 -26.02
CA ASN B 315 5.91 9.08 -27.26
C ASN B 315 4.42 8.98 -27.01
N GLY B 316 3.97 9.63 -25.95
CA GLY B 316 2.57 9.68 -25.58
C GLY B 316 2.02 8.36 -25.04
N ILE B 317 2.89 7.42 -24.64
CA ILE B 317 2.48 6.16 -24.01
C ILE B 317 3.04 6.06 -22.61
N ARG B 318 2.20 5.69 -21.64
CA ARG B 318 2.67 5.39 -20.31
C ARG B 318 2.94 3.89 -20.09
N PHE B 319 4.14 3.60 -19.59
CA PHE B 319 4.58 2.28 -19.33
C PHE B 319 4.87 2.06 -17.87
N PRO B 320 3.84 1.63 -17.12
CA PRO B 320 4.17 1.19 -15.73
C PRO B 320 4.95 -0.11 -15.68
N SER B 321 5.43 -0.44 -14.47
CA SER B 321 6.14 -1.67 -14.23
C SER B 321 7.42 -1.76 -15.04
N VAL B 322 8.06 -0.65 -15.23
CA VAL B 322 9.38 -0.60 -15.91
C VAL B 322 10.34 0.12 -14.95
N HIS B 323 11.31 -0.62 -14.39
CA HIS B 323 12.22 -0.08 -13.38
C HIS B 323 13.36 0.62 -14.01
N LEU B 324 13.63 1.83 -13.54
CA LEU B 324 14.57 2.68 -14.27
C LEU B 324 15.95 2.09 -14.50
N LYS B 325 16.48 1.37 -13.51
CA LYS B 325 17.81 0.77 -13.64
C LYS B 325 17.74 -0.17 -14.86
N ASP B 326 16.60 -0.90 -15.02
CA ASP B 326 16.48 -1.85 -16.14
C ASP B 326 16.31 -1.16 -17.43
N TYR B 327 15.49 -0.11 -17.43
CA TYR B 327 15.32 0.74 -18.61
C TYR B 327 16.65 1.34 -19.10
N LEU B 328 17.43 1.87 -18.16
CA LEU B 328 18.73 2.44 -18.51
C LEU B 328 19.76 1.40 -19.00
N THR B 329 19.75 0.22 -18.41
CA THR B 329 20.68 -0.86 -18.76
C THR B 329 20.35 -1.30 -20.16
N ARG B 330 19.07 -1.55 -20.44
N ARG B 330 19.09 -1.55 -20.45
CA ARG B 330 18.63 -2.01 -21.81
CA ARG B 330 18.72 -2.03 -21.80
C ARG B 330 18.91 -0.94 -22.85
C ARG B 330 18.87 -0.95 -22.88
N LEU B 331 18.56 0.29 -22.54
CA LEU B 331 18.73 1.39 -23.44
C LEU B 331 20.21 1.66 -23.78
N ALA B 332 21.09 1.45 -22.81
CA ALA B 332 22.52 1.55 -23.02
C ALA B 332 23.02 0.49 -24.01
N GLU B 333 22.51 -0.73 -23.91
CA GLU B 333 22.84 -1.78 -24.83
C GLU B 333 22.40 -1.45 -26.28
N LYS B 334 21.27 -0.79 -26.45
CA LYS B 334 20.64 -0.67 -27.76
C LYS B 334 20.87 0.65 -28.42
N VAL B 335 21.14 1.74 -27.66
CA VAL B 335 21.08 3.07 -28.25
C VAL B 335 22.35 3.32 -29.15
N SER B 336 22.19 4.18 -30.12
CA SER B 336 23.25 4.57 -31.04
C SER B 336 23.69 5.96 -30.56
N LYS B 337 24.81 6.38 -31.08
CA LYS B 337 25.38 7.68 -30.69
C LYS B 337 24.49 8.82 -31.08
N LYS B 338 24.22 9.75 -30.13
CA LYS B 338 23.44 10.93 -30.40
C LYS B 338 24.17 12.12 -29.74
N THR B 339 25.17 12.68 -30.43
CA THR B 339 26.14 13.64 -29.85
C THR B 339 25.75 15.08 -29.99
N GLY B 340 24.67 15.34 -30.69
CA GLY B 340 24.33 16.69 -31.12
C GLY B 340 24.21 17.77 -30.08
N ALA B 341 23.68 17.46 -28.89
CA ALA B 341 23.48 18.53 -27.87
C ALA B 341 24.80 18.78 -27.16
N LEU B 342 25.62 17.76 -27.01
CA LEU B 342 26.91 17.94 -26.43
C LEU B 342 27.80 18.74 -27.44
N ASP B 343 27.71 18.42 -28.74
CA ASP B 343 28.38 19.27 -29.78
C ASP B 343 27.89 20.68 -29.69
N PHE B 344 26.60 20.89 -29.58
CA PHE B 344 26.09 22.21 -29.44
C PHE B 344 26.67 22.87 -28.24
N PHE B 345 26.72 22.16 -27.10
CA PHE B 345 27.20 22.80 -25.85
C PHE B 345 28.63 23.27 -26.04
N LYS B 346 29.52 22.37 -26.44
CA LYS B 346 30.93 22.76 -26.80
C LYS B 346 31.05 23.96 -27.80
N SER B 347 30.44 23.81 -28.95
CA SER B 347 30.36 24.94 -29.90
C SER B 347 30.04 26.31 -29.25
N LEU B 348 29.40 26.37 -28.08
CA LEU B 348 28.96 27.66 -27.47
C LEU B 348 30.03 28.56 -26.93
N ASN B 349 31.17 27.99 -26.56
CA ASN B 349 32.25 28.68 -25.86
C ASN B 349 31.73 29.40 -24.67
N ALA B 350 30.93 28.72 -23.86
CA ALA B 350 30.27 29.44 -22.75
C ALA B 350 31.21 29.54 -21.55
N GLY B 351 32.20 28.65 -21.52
CA GLY B 351 33.25 28.59 -20.53
C GLY B 351 32.84 27.73 -19.36
N GLU B 352 33.77 27.50 -18.47
CA GLU B 352 33.47 26.94 -17.17
C GLU B 352 32.81 27.96 -16.27
N LEU B 353 32.14 27.45 -15.22
CA LEU B 353 31.53 28.31 -14.20
C LEU B 353 32.64 29.19 -13.68
N LYS B 354 32.44 30.50 -13.70
CA LYS B 354 33.45 31.44 -13.22
C LYS B 354 33.54 31.46 -11.70
N LYS B 355 34.77 31.29 -11.21
CA LYS B 355 35.06 31.23 -9.78
C LYS B 355 36.14 32.18 -9.35
N ALA B 356 36.00 32.67 -8.14
CA ALA B 356 36.88 33.71 -7.60
C ALA B 356 38.29 33.20 -7.35
N ASP B 357 39.27 34.09 -7.57
CA ASP B 357 40.70 33.78 -7.23
C ASP B 357 40.88 33.84 -5.71
N PRO B 358 42.01 33.28 -5.19
CA PRO B 358 42.25 33.38 -3.74
C PRO B 358 42.15 34.81 -3.25
N ALA B 359 41.60 34.97 -2.07
CA ALA B 359 41.44 36.28 -1.49
C ALA B 359 42.78 36.72 -0.91
N ASP B 360 42.94 38.02 -0.73
CA ASP B 360 43.99 38.56 0.14
C ASP B 360 43.83 37.92 1.53
N PRO B 361 44.87 37.24 2.03
CA PRO B 361 44.89 36.61 3.34
C PRO B 361 44.32 37.39 4.48
N SER B 362 44.51 38.72 4.52
CA SER B 362 44.20 39.42 5.73
C SER B 362 42.92 40.19 5.54
N ALA B 363 42.36 40.21 4.35
CA ALA B 363 41.10 40.91 4.12
C ALA B 363 39.92 40.24 4.93
N PRO B 364 38.87 41.01 5.21
CA PRO B 364 37.64 40.42 5.81
C PRO B 364 37.16 39.24 4.93
N LEU B 365 36.82 38.12 5.59
CA LEU B 365 36.43 36.90 4.92
C LEU B 365 35.16 37.20 4.15
N VAL B 366 35.09 36.62 2.96
CA VAL B 366 33.91 36.70 2.11
C VAL B 366 33.45 35.31 1.71
N ASN B 367 32.17 35.22 1.41
CA ASN B 367 31.48 33.94 1.10
C ASN B 367 32.17 33.13 0.02
N ALA B 368 32.56 33.82 -1.07
CA ALA B 368 33.25 33.14 -2.17
C ALA B 368 34.58 32.48 -1.77
N GLU B 369 35.28 33.09 -0.82
CA GLU B 369 36.54 32.56 -0.32
C GLU B 369 36.29 31.36 0.59
N ILE B 370 35.18 31.39 1.30
CA ILE B 370 34.84 30.19 2.15
C ILE B 370 34.58 29.02 1.18
N ALA B 371 33.75 29.26 0.17
CA ALA B 371 33.46 28.20 -0.78
C ALA B 371 34.73 27.67 -1.47
N ARG B 372 35.64 28.56 -1.81
CA ARG B 372 36.87 28.13 -2.49
C ARG B 372 37.69 27.20 -1.63
N GLN B 373 37.86 27.55 -0.36
CA GLN B 373 38.65 26.69 0.48
C GLN B 373 37.93 25.36 0.76
N ILE B 374 36.58 25.39 0.87
CA ILE B 374 35.88 24.10 1.10
C ILE B 374 36.05 23.25 -0.14
N GLU B 375 35.87 23.84 -1.31
CA GLU B 375 36.03 23.13 -2.56
C GLU B 375 37.40 22.48 -2.66
N ASP B 376 38.40 23.19 -2.19
CA ASP B 376 39.77 22.65 -2.12
C ASP B 376 39.98 21.49 -1.17
N LEU B 377 39.13 21.35 -0.16
CA LEU B 377 39.09 20.17 0.69
C LEU B 377 38.51 18.87 0.10
N LEU B 378 37.79 18.97 -1.01
CA LEU B 378 37.02 17.85 -1.53
C LEU B 378 37.93 16.76 -2.07
N THR B 379 37.66 15.53 -1.68
CA THR B 379 38.28 14.34 -2.23
C THR B 379 37.20 13.34 -2.65
N PRO B 380 37.61 12.23 -3.33
CA PRO B 380 36.66 11.13 -3.62
C PRO B 380 35.99 10.47 -2.43
N ASN B 381 36.60 10.58 -1.25
CA ASN B 381 36.10 10.05 -0.04
C ASN B 381 35.27 11.07 0.84
N THR B 382 34.99 12.24 0.29
CA THR B 382 34.30 13.34 0.97
C THR B 382 32.75 13.29 0.76
N THR B 383 32.04 13.57 1.84
CA THR B 383 30.62 13.95 1.74
C THR B 383 30.43 15.33 2.33
N VAL B 384 29.82 16.23 1.57
CA VAL B 384 29.30 17.48 2.09
C VAL B 384 27.80 17.39 2.36
N ILE B 385 27.42 17.73 3.57
CA ILE B 385 26.03 17.91 3.99
C ILE B 385 25.72 19.44 3.89
N ALA B 386 24.82 19.79 2.99
CA ALA B 386 24.52 21.21 2.69
C ALA B 386 23.13 21.60 3.15
N GLU B 387 23.09 22.49 4.14
CA GLU B 387 21.87 23.02 4.69
C GLU B 387 21.10 23.92 3.74
N THR B 388 19.77 23.92 3.91
CA THR B 388 18.93 24.93 3.33
C THR B 388 19.40 26.33 3.69
N GLY B 389 19.57 27.11 2.64
CA GLY B 389 20.13 28.45 2.72
C GLY B 389 21.11 28.68 1.63
N ASP B 390 21.88 29.76 1.74
CA ASP B 390 22.89 29.98 0.71
C ASP B 390 23.85 28.81 0.55
N SER B 391 23.99 27.94 1.58
CA SER B 391 24.84 26.76 1.46
C SER B 391 24.38 25.88 0.30
N TRP B 392 23.08 25.89 -0.02
CA TRP B 392 22.60 25.15 -1.20
C TRP B 392 23.39 25.57 -2.49
N PHE B 393 23.50 26.90 -2.64
CA PHE B 393 24.16 27.51 -3.81
C PHE B 393 25.68 27.39 -3.81
N ASN B 394 26.32 27.59 -2.67
CA ASN B 394 27.72 27.36 -2.58
C ASN B 394 28.07 25.92 -2.92
N ALA B 395 27.34 24.93 -2.35
CA ALA B 395 27.64 23.56 -2.67
C ALA B 395 27.40 23.24 -4.13
N GLN B 396 26.39 23.86 -4.70
CA GLN B 396 26.00 23.56 -6.08
C GLN B 396 27.15 23.97 -7.07
N ARG B 397 27.87 25.04 -6.68
CA ARG B 397 29.01 25.57 -7.46
C ARG B 397 30.29 24.77 -7.38
N MET B 398 30.37 23.79 -6.50
N MET B 398 30.39 23.86 -6.43
CA MET B 398 31.57 23.05 -6.27
CA MET B 398 31.56 23.03 -6.23
C MET B 398 31.73 21.94 -7.31
C MET B 398 31.71 22.01 -7.36
N LYS B 399 32.95 21.85 -7.81
CA LYS B 399 33.34 20.82 -8.75
C LYS B 399 33.69 19.57 -8.01
N LEU B 400 32.92 18.48 -8.20
CA LEU B 400 33.17 17.31 -7.37
C LEU B 400 34.15 16.31 -8.05
N PRO B 401 35.16 15.86 -7.33
CA PRO B 401 35.86 14.69 -7.85
C PRO B 401 34.99 13.45 -7.85
N ASN B 402 35.20 12.54 -8.78
CA ASN B 402 34.39 11.28 -8.79
C ASN B 402 34.49 10.53 -7.48
N GLY B 403 33.32 10.27 -6.88
CA GLY B 403 33.26 9.65 -5.60
C GLY B 403 32.73 10.56 -4.50
N ALA B 404 33.02 11.85 -4.64
CA ALA B 404 32.55 12.83 -3.66
C ALA B 404 31.01 12.90 -3.72
N ARG B 405 30.41 13.05 -2.55
CA ARG B 405 28.91 13.10 -2.41
C ARG B 405 28.47 14.47 -1.84
N VAL B 406 27.31 14.90 -2.25
CA VAL B 406 26.59 16.01 -1.67
C VAL B 406 25.23 15.49 -1.20
N GLU B 407 24.87 15.81 0.04
CA GLU B 407 23.55 15.53 0.60
C GLU B 407 22.80 16.83 0.71
N TYR B 408 21.71 16.82 0.01
CA TYR B 408 20.72 17.91 0.08
C TYR B 408 19.38 17.45 0.63
N GLU B 409 18.67 18.38 1.29
CA GLU B 409 17.29 18.15 1.71
C GLU B 409 16.36 19.22 1.05
N MET B 410 16.33 19.24 -0.27
N MET B 410 16.32 19.19 -0.27
CA MET B 410 15.66 20.34 -0.98
CA MET B 410 15.74 20.25 -1.06
C MET B 410 14.17 20.17 -1.12
C MET B 410 14.26 20.09 -1.36
N GLN B 411 13.67 18.95 -0.97
CA GLN B 411 12.19 18.79 -1.09
C GLN B 411 11.53 19.23 0.21
N TRP B 412 12.02 18.68 1.32
CA TRP B 412 11.45 19.05 2.64
C TRP B 412 11.91 20.44 3.08
N GLY B 413 13.21 20.69 2.96
CA GLY B 413 13.77 22.02 3.33
C GLY B 413 13.57 22.51 4.72
N HIS B 414 13.77 21.63 5.72
CA HIS B 414 13.57 21.98 7.10
C HIS B 414 14.93 22.57 7.58
N ILE B 415 14.99 23.85 7.85
CA ILE B 415 16.26 24.38 8.39
C ILE B 415 16.60 23.67 9.72
N GLY B 416 17.87 23.38 9.87
CA GLY B 416 18.36 22.61 10.99
C GLY B 416 18.46 21.11 10.73
N TRP B 417 17.84 20.57 9.69
CA TRP B 417 18.00 19.15 9.25
C TRP B 417 19.49 18.78 9.27
N SER B 418 20.38 19.72 8.86
CA SER B 418 21.76 19.36 8.55
C SER B 418 22.59 18.88 9.73
N VAL B 419 22.30 19.38 10.93
CA VAL B 419 23.12 19.07 12.08
C VAL B 419 22.92 17.60 12.51
N PRO B 420 21.66 17.21 12.81
CA PRO B 420 21.46 15.80 13.13
C PRO B 420 21.62 14.94 11.90
N ALA B 421 21.34 15.43 10.72
CA ALA B 421 21.58 14.61 9.50
C ALA B 421 23.10 14.28 9.38
N ALA B 422 23.91 15.28 9.58
CA ALA B 422 25.39 15.03 9.56
C ALA B 422 25.81 14.11 10.68
N PHE B 423 25.24 14.20 11.88
CA PHE B 423 25.50 13.29 12.98
C PHE B 423 25.17 11.86 12.53
N GLY B 424 23.97 11.66 11.99
CA GLY B 424 23.63 10.30 11.61
C GLY B 424 24.42 9.78 10.43
N TYR B 425 24.67 10.62 9.45
CA TYR B 425 25.46 10.19 8.32
C TYR B 425 26.87 9.77 8.75
N ALA B 426 27.48 10.57 9.64
CA ALA B 426 28.86 10.30 10.17
C ALA B 426 28.90 9.03 11.03
N VAL B 427 27.80 8.70 11.69
CA VAL B 427 27.72 7.41 12.39
C VAL B 427 27.70 6.27 11.35
N GLY B 428 26.98 6.47 10.24
CA GLY B 428 26.91 5.44 9.16
C GLY B 428 28.09 5.34 8.22
N ALA B 429 28.83 6.43 8.03
CA ALA B 429 29.92 6.48 7.07
C ALA B 429 31.20 7.07 7.72
N PRO B 430 31.69 6.42 8.80
CA PRO B 430 32.76 7.02 9.60
C PRO B 430 34.07 7.02 8.83
N GLU B 431 34.16 6.18 7.80
CA GLU B 431 35.32 6.16 6.93
C GLU B 431 35.50 7.42 6.03
N ARG B 432 34.44 8.18 5.80
CA ARG B 432 34.47 9.29 4.87
C ARG B 432 34.95 10.54 5.57
N ARG B 433 35.42 11.51 4.80
CA ARG B 433 35.59 12.87 5.28
C ARG B 433 34.21 13.57 5.21
N ASN B 434 33.64 13.83 6.39
CA ASN B 434 32.28 14.34 6.49
C ASN B 434 32.35 15.84 6.88
N ILE B 435 31.87 16.65 5.95
CA ILE B 435 31.84 18.11 6.05
C ILE B 435 30.36 18.59 6.12
N LEU B 436 30.08 19.37 7.14
CA LEU B 436 28.78 20.02 7.32
C LEU B 436 28.91 21.50 6.99
N MET B 437 28.06 21.98 6.08
N MET B 437 28.10 21.97 6.04
CA MET B 437 27.97 23.39 5.74
CA MET B 437 27.99 23.39 5.69
C MET B 437 26.60 23.87 6.15
C MET B 437 26.62 23.87 6.14
N VAL B 438 26.59 24.73 7.15
CA VAL B 438 25.37 25.09 7.81
C VAL B 438 25.37 26.58 8.22
N GLY B 439 24.27 27.27 7.97
CA GLY B 439 24.11 28.66 8.39
C GLY B 439 23.78 28.84 9.83
N ASP B 440 24.03 30.04 10.35
CA ASP B 440 23.76 30.35 11.71
C ASP B 440 22.29 30.15 12.11
N GLY B 441 21.35 30.60 11.29
CA GLY B 441 19.93 30.44 11.61
C GLY B 441 19.48 29.01 11.73
N SER B 442 19.91 28.17 10.78
CA SER B 442 19.58 26.77 10.77
C SER B 442 20.19 26.06 11.94
N PHE B 443 21.41 26.44 12.26
CA PHE B 443 22.18 25.80 13.33
C PHE B 443 21.44 25.91 14.61
N GLN B 444 20.77 27.04 14.86
CA GLN B 444 20.16 27.22 16.12
C GLN B 444 18.92 26.32 16.40
N LEU B 445 18.33 25.70 15.39
CA LEU B 445 17.12 24.84 15.64
C LEU B 445 17.54 23.53 16.31
N THR B 446 18.73 23.05 15.98
CA THR B 446 19.12 21.69 16.21
C THR B 446 20.53 21.51 16.74
N ALA B 447 21.16 22.61 17.11
CA ALA B 447 22.57 22.65 17.52
C ALA B 447 23.01 21.59 18.51
N GLN B 448 22.13 21.23 19.43
CA GLN B 448 22.51 20.32 20.52
C GLN B 448 23.07 18.94 20.01
N GLU B 449 22.68 18.52 18.81
CA GLU B 449 23.19 17.28 18.29
C GLU B 449 24.70 17.25 18.00
N VAL B 450 25.33 18.41 17.97
CA VAL B 450 26.82 18.43 17.90
C VAL B 450 27.39 17.76 19.16
N ALA B 451 26.72 17.81 20.30
CA ALA B 451 27.15 17.13 21.54
C ALA B 451 27.23 15.64 21.34
N GLN B 452 26.36 15.08 20.53
CA GLN B 452 26.43 13.64 20.23
C GLN B 452 27.55 13.32 19.32
N MET B 453 27.90 14.19 18.40
CA MET B 453 29.12 14.03 17.57
C MET B 453 30.38 14.01 18.50
N VAL B 454 30.35 14.84 19.54
CA VAL B 454 31.45 14.88 20.54
C VAL B 454 31.47 13.56 21.28
N ARG B 455 30.29 13.15 21.78
CA ARG B 455 30.18 11.90 22.53
C ARG B 455 30.71 10.67 21.81
N LEU B 456 30.42 10.57 20.54
CA LEU B 456 30.83 9.44 19.74
C LEU B 456 32.15 9.63 19.02
N LYS B 457 32.77 10.76 19.25
CA LYS B 457 34.10 11.09 18.75
C LYS B 457 34.17 11.14 17.22
N LEU B 458 33.14 11.74 16.62
CA LEU B 458 33.03 11.77 15.17
C LEU B 458 33.73 13.00 14.66
N PRO B 459 34.70 12.81 13.77
CA PRO B 459 35.47 13.98 13.23
C PRO B 459 34.81 14.73 12.07
N VAL B 460 33.59 15.20 12.33
CA VAL B 460 32.85 16.03 11.41
C VAL B 460 33.42 17.40 11.39
N ILE B 461 33.72 17.91 10.18
CA ILE B 461 34.17 19.28 10.07
C ILE B 461 32.92 20.15 9.79
N ILE B 462 32.66 21.14 10.63
CA ILE B 462 31.46 21.97 10.49
C ILE B 462 31.89 23.40 10.14
N PHE B 463 31.49 23.86 8.98
CA PHE B 463 31.56 25.28 8.58
C PHE B 463 30.25 25.93 8.94
N LEU B 464 30.26 26.65 10.03
CA LEU B 464 29.13 27.44 10.48
C LEU B 464 29.24 28.84 9.83
N ILE B 465 28.32 29.19 8.95
CA ILE B 465 28.40 30.47 8.25
C ILE B 465 27.60 31.47 9.02
N ASN B 466 28.30 32.32 9.75
CA ASN B 466 27.69 33.34 10.57
C ASN B 466 27.47 34.63 9.75
N ASN B 467 26.30 34.74 9.15
CA ASN B 467 25.90 35.95 8.41
C ASN B 467 24.77 36.73 9.10
N TYR B 468 24.60 36.49 10.41
CA TYR B 468 23.69 37.24 11.32
C TYR B 468 22.23 37.18 10.87
N GLY B 469 21.73 35.99 10.59
CA GLY B 469 20.32 35.85 10.31
C GLY B 469 20.00 34.99 9.10
N TYR B 470 18.77 35.10 8.62
CA TYR B 470 18.25 34.20 7.60
C TYR B 470 18.39 34.86 6.22
N THR B 471 19.54 34.77 5.59
CA THR B 471 19.75 35.47 4.30
C THR B 471 18.89 34.97 3.16
N ILE B 472 18.67 33.66 3.08
CA ILE B 472 17.78 33.16 2.04
C ILE B 472 16.41 33.89 2.09
N GLU B 473 15.89 34.16 3.30
CA GLU B 473 14.59 34.85 3.44
C GLU B 473 14.73 36.35 3.14
N VAL B 474 15.86 36.93 3.54
CA VAL B 474 16.15 38.33 3.14
C VAL B 474 16.01 38.48 1.59
N MET B 475 16.51 37.48 0.86
CA MET B 475 16.48 37.49 -0.59
C MET B 475 15.17 37.01 -1.30
N ILE B 476 14.13 36.68 -0.52
CA ILE B 476 12.82 36.37 -0.99
C ILE B 476 11.91 37.52 -0.54
N HIS B 477 11.89 37.81 0.78
CA HIS B 477 11.00 38.84 1.32
C HIS B 477 11.51 39.28 2.71
N ASP B 478 12.08 40.47 2.79
CA ASP B 478 12.71 40.90 4.06
C ASP B 478 11.76 41.54 5.11
N GLY B 479 12.15 41.41 6.36
CA GLY B 479 11.43 41.90 7.50
C GLY B 479 12.15 41.53 8.81
N PRO B 480 11.61 41.93 9.96
CA PRO B 480 12.32 41.81 11.20
C PRO B 480 12.47 40.36 11.70
N TYR B 481 11.55 39.54 11.21
CA TYR B 481 11.60 38.07 11.48
C TYR B 481 12.82 37.35 10.93
N ASN B 482 13.61 38.02 10.08
CA ASN B 482 14.86 37.43 9.60
C ASN B 482 16.09 37.67 10.46
N ASN B 483 15.97 38.48 11.50
CA ASN B 483 17.05 38.79 12.40
C ASN B 483 16.99 37.79 13.54
N ILE B 484 18.13 37.21 13.90
CA ILE B 484 18.15 36.29 15.04
C ILE B 484 19.14 36.76 16.08
N LYS B 485 19.02 36.23 17.29
CA LYS B 485 19.97 36.52 18.38
C LYS B 485 21.32 35.85 18.04
N ASN B 486 22.39 36.65 17.97
CA ASN B 486 23.72 36.10 17.61
C ASN B 486 24.26 35.30 18.79
N TRP B 487 24.99 34.24 18.49
CA TRP B 487 25.68 33.47 19.50
C TRP B 487 27.18 33.50 19.28
N ASP B 488 27.91 33.20 20.35
CA ASP B 488 29.32 32.87 20.22
C ASP B 488 29.38 31.35 19.87
N TYR B 489 29.24 31.07 18.58
CA TYR B 489 29.11 29.69 18.09
C TYR B 489 30.36 28.84 18.39
N ALA B 490 31.53 29.43 18.23
CA ALA B 490 32.75 28.70 18.54
C ALA B 490 32.85 28.25 19.92
N ALA B 491 32.37 29.06 20.88
CA ALA B 491 32.42 28.70 22.30
C ALA B 491 31.46 27.57 22.70
N LEU B 492 30.53 27.24 21.81
CA LEU B 492 29.64 26.17 22.09
C LEU B 492 30.34 24.81 22.20
N MET B 493 31.43 24.63 21.45
N MET B 493 31.43 24.62 21.45
CA MET B 493 32.17 23.35 21.54
CA MET B 493 32.12 23.32 21.49
C MET B 493 32.56 22.99 22.94
C MET B 493 32.69 22.95 22.87
N GLU B 494 33.10 23.96 23.66
CA GLU B 494 33.54 23.78 25.01
C GLU B 494 32.39 23.37 25.92
N VAL B 495 31.20 23.91 25.66
CA VAL B 495 30.03 23.57 26.46
C VAL B 495 29.77 22.10 26.29
N PHE B 496 29.81 21.64 25.02
CA PHE B 496 29.49 20.22 24.71
C PHE B 496 30.61 19.25 25.15
N ASN B 497 31.82 19.75 25.30
CA ASN B 497 32.87 18.94 25.91
C ASN B 497 32.60 18.62 27.35
N GLY B 498 31.88 19.48 28.05
CA GLY B 498 31.65 19.22 29.48
C GLY B 498 32.80 19.81 30.29
N ASN B 499 33.10 19.20 31.44
CA ASN B 499 34.30 19.57 32.26
C ASN B 499 35.54 18.73 31.92
N SER B 504 36.08 12.67 28.03
CA SER B 504 34.89 13.51 28.15
C SER B 504 34.76 14.61 27.07
N GLY B 505 35.57 14.61 26.03
CA GLY B 505 35.14 15.29 24.81
C GLY B 505 36.23 16.09 24.16
N ALA B 506 36.36 15.89 22.89
CA ALA B 506 37.41 16.47 22.11
C ALA B 506 36.88 17.26 20.92
N GLY B 507 35.70 17.90 21.06
CA GLY B 507 35.32 18.92 20.13
C GLY B 507 36.23 20.17 20.13
N LYS B 508 36.41 20.80 18.99
CA LYS B 508 37.13 22.09 18.89
C LYS B 508 36.28 23.16 18.19
N GLY B 509 36.27 24.39 18.74
CA GLY B 509 35.56 25.49 18.17
C GLY B 509 36.57 26.58 17.79
N LEU B 510 36.56 27.03 16.56
CA LEU B 510 37.47 28.00 16.02
C LEU B 510 36.71 29.12 15.32
N LYS B 511 37.37 30.27 15.13
CA LYS B 511 36.80 31.40 14.48
C LYS B 511 37.65 31.76 13.28
N ALA B 512 37.00 32.12 12.18
CA ALA B 512 37.63 32.60 11.01
C ALA B 512 37.04 33.88 10.52
N LYS B 513 37.85 34.97 10.53
CA LYS B 513 37.41 36.30 10.04
C LYS B 513 38.16 36.83 8.79
N THR B 514 39.15 36.04 8.35
CA THR B 514 39.90 36.29 7.16
C THR B 514 40.23 34.96 6.55
N ALA B 515 40.72 35.00 5.32
CA ALA B 515 41.15 33.81 4.65
C ALA B 515 42.27 33.08 5.34
N ALA B 516 43.23 33.80 5.95
CA ALA B 516 44.32 33.13 6.61
C ALA B 516 43.83 32.39 7.86
N GLU B 517 42.92 33.01 8.59
CA GLU B 517 42.38 32.35 9.78
C GLU B 517 41.59 31.09 9.40
N LEU B 518 40.85 31.19 8.30
CA LEU B 518 40.10 30.03 7.76
C LEU B 518 41.08 28.91 7.37
N GLU B 519 42.15 29.28 6.67
CA GLU B 519 43.15 28.27 6.28
C GLU B 519 43.74 27.54 7.49
N GLU B 520 44.01 28.29 8.52
CA GLU B 520 44.57 27.77 9.72
C GLU B 520 43.54 26.89 10.42
N ALA B 521 42.30 27.38 10.50
CA ALA B 521 41.22 26.58 11.13
C ALA B 521 41.06 25.21 10.46
N ILE B 522 41.08 25.18 9.14
CA ILE B 522 40.89 23.94 8.41
C ILE B 522 42.03 22.97 8.70
N LYS B 523 43.26 23.46 8.86
CA LYS B 523 44.38 22.54 9.26
C LYS B 523 44.13 21.92 10.60
N VAL B 524 43.63 22.71 11.56
CA VAL B 524 43.32 22.22 12.91
C VAL B 524 42.19 21.15 12.84
N ALA B 525 41.19 21.43 11.99
CA ALA B 525 40.04 20.52 11.83
C ALA B 525 40.51 19.18 11.30
N LEU B 526 41.27 19.20 10.21
CA LEU B 526 41.83 17.99 9.62
C LEU B 526 42.67 17.23 10.59
N ASP B 527 43.37 17.89 11.50
CA ASP B 527 44.14 17.18 12.50
C ASP B 527 43.37 16.67 13.67
N ASN B 528 42.10 17.05 13.83
CA ASN B 528 41.34 16.66 15.00
C ASN B 528 40.61 15.39 14.62
N THR B 529 41.11 14.26 15.12
CA THR B 529 40.56 12.96 14.75
C THR B 529 39.71 12.43 15.88
N ASP B 530 39.60 13.15 16.99
CA ASP B 530 38.92 12.62 18.17
C ASP B 530 37.53 13.24 18.43
N GLY B 531 37.14 14.19 17.58
CA GLY B 531 35.89 14.85 17.75
C GLY B 531 35.68 15.84 16.63
N PRO B 532 34.51 16.49 16.64
CA PRO B 532 34.18 17.41 15.64
C PRO B 532 34.86 18.77 15.80
N THR B 533 34.94 19.48 14.71
CA THR B 533 35.52 20.79 14.70
C THR B 533 34.55 21.77 14.06
N LEU B 534 34.14 22.76 14.81
CA LEU B 534 33.29 23.81 14.30
C LEU B 534 34.09 25.03 14.02
N ILE B 535 34.04 25.44 12.79
CA ILE B 535 34.67 26.68 12.33
C ILE B 535 33.63 27.76 12.06
N GLU B 536 33.64 28.77 12.93
CA GLU B 536 32.70 29.90 12.83
C GLU B 536 33.22 30.89 11.86
N CYS B 537 32.59 30.99 10.69
CA CYS B 537 33.03 31.86 9.61
C CYS B 537 32.21 33.15 9.59
N PHE B 538 32.85 34.32 9.69
CA PHE B 538 32.11 35.58 9.77
C PHE B 538 32.02 36.26 8.45
N ILE B 539 30.82 36.53 7.95
CA ILE B 539 30.61 37.26 6.70
C ILE B 539 29.44 38.20 6.83
N ALA B 540 29.38 39.17 5.92
CA ALA B 540 28.25 40.13 5.93
C ALA B 540 26.90 39.48 5.58
N ARG B 541 25.83 39.98 6.18
CA ARG B 541 24.53 39.49 5.91
C ARG B 541 24.21 39.29 4.44
N GLU B 542 24.54 40.29 3.60
CA GLU B 542 24.16 40.22 2.21
C GLU B 542 25.27 39.67 1.26
N ASP B 543 26.35 39.15 1.84
CA ASP B 543 27.43 38.62 1.09
C ASP B 543 27.03 37.18 0.73
N CYS B 544 26.22 37.08 -0.32
CA CYS B 544 25.73 35.75 -0.72
C CYS B 544 25.97 35.49 -2.17
N THR B 545 25.63 34.28 -2.67
CA THR B 545 25.88 33.97 -4.06
C THR B 545 24.96 34.83 -4.89
N GLU B 546 25.34 35.07 -6.14
CA GLU B 546 24.45 35.76 -7.09
C GLU B 546 23.24 34.89 -7.43
N GLU B 547 23.43 33.56 -7.39
CA GLU B 547 22.40 32.61 -7.74
C GLU B 547 21.23 32.72 -6.78
N LEU B 548 21.52 32.80 -5.47
CA LEU B 548 20.46 32.99 -4.48
C LEU B 548 19.61 34.17 -4.79
N VAL B 549 20.24 35.29 -5.17
CA VAL B 549 19.49 36.50 -5.41
C VAL B 549 18.55 36.30 -6.58
N LYS B 550 19.01 35.65 -7.64
CA LYS B 550 18.17 35.50 -8.80
C LYS B 550 17.01 34.49 -8.56
N TRP B 551 17.36 33.37 -7.93
CA TRP B 551 16.37 32.30 -7.70
C TRP B 551 15.37 32.78 -6.68
N GLY B 552 15.84 33.47 -5.63
CA GLY B 552 14.95 34.07 -4.60
C GLY B 552 13.80 34.93 -5.12
N GLU B 553 14.09 35.80 -6.11
CA GLU B 553 13.07 36.71 -6.66
C GLU B 553 11.99 35.89 -7.33
N ARG B 554 12.40 34.87 -8.05
CA ARG B 554 11.46 34.03 -8.82
C ARG B 554 10.56 33.21 -7.91
N VAL B 555 11.12 32.77 -6.80
CA VAL B 555 10.33 32.04 -5.78
C VAL B 555 9.30 32.91 -5.13
N ALA B 556 9.74 34.09 -4.71
CA ALA B 556 8.85 35.04 -4.13
C ALA B 556 7.71 35.37 -5.10
N ALA B 557 8.01 35.51 -6.40
CA ALA B 557 6.98 35.91 -7.35
C ALA B 557 5.96 34.76 -7.53
N ALA B 558 6.45 33.53 -7.57
CA ALA B 558 5.54 32.38 -7.60
C ALA B 558 4.69 32.26 -6.36
N ASN B 559 5.26 32.45 -5.15
CA ASN B 559 4.53 32.28 -3.90
C ASN B 559 3.46 33.30 -3.80
N SER B 560 3.71 34.53 -4.24
CA SER B 560 2.74 35.58 -3.99
C SER B 560 1.83 35.80 -5.18
N ARG B 561 1.91 34.97 -6.23
CA ARG B 561 1.07 35.28 -7.40
C ARG B 561 -0.41 35.30 -7.03
N LYS B 562 -1.17 36.25 -7.59
CA LYS B 562 -2.58 36.41 -7.22
C LYS B 562 -3.48 35.22 -7.50
N PRO B 563 -4.52 35.04 -6.70
CA PRO B 563 -5.53 34.09 -7.09
C PRO B 563 -6.05 34.30 -8.52
N VAL B 564 -6.19 33.24 -9.30
CA VAL B 564 -6.80 33.36 -10.63
C VAL B 564 -8.32 33.29 -10.46
N ASN B 565 -9.08 33.94 -11.33
CA ASN B 565 -10.55 33.92 -11.17
C ASN B 565 -11.26 34.08 -12.50
#